data_5D01
#
_entry.id   5D01
#
_cell.length_a   89.060
_cell.length_b   163.250
_cell.length_c   97.246
_cell.angle_alpha   90.000
_cell.angle_beta   90.000
_cell.angle_gamma   90.000
#
_symmetry.space_group_name_H-M   'C 2 2 21'
#
loop_
_entity.id
_entity.type
_entity.pdbx_description
1 polymer 'N-acetyl-alpha-D-glucosaminyl L-malate synthase'
2 non-polymer '(2S)-2-{[2-acetamido-2-deoxy-alpha-D-glucopyranosyl]oxy}butanedioic acid'
3 water water
#
_entity_poly.entity_id   1
_entity_poly.type   'polypeptide(L)'
_entity_poly.pdbx_seq_one_letter_code
;GHMRKLKIGITCYPSVGGSGIIATELGKQLAEKGHEIHFITSSIPFRLNTYHPNIHFHEVEVNQYAVFKYPPYDLTLASK
IAEVAERENLDIIHAHYALPHAVCAYLAKQMLKRNIGIVTTLHGTDITVLGYDPSLKDLIRFAIESSDRVTAVSSALAAE
TYDLIKPEKKIETIYNFIDERVYLKKNTAAIKEKHGILPDEKVVIHVSNFRKVKRVQDVIRVFRNIAGKTKAKLLLVGDG
PEKSTACELIRKYGLEDQVLMLGNQDRVEDLYSISDLKLLLSEKESFGLVLLEAMACGVPCIGTNIGGIPEVIKNNVSGF
LVDVGDVTAATARAMSILEDEQLSNRFTKAAIEMLENEFSSKKIVSQYEQIYADLAEPE
;
_entity_poly.pdbx_strand_id   A,B
#
loop_
_chem_comp.id
_chem_comp.type
_chem_comp.name
_chem_comp.formula
GMT D-saccharide '(2S)-2-{[2-acetamido-2-deoxy-alpha-D-glucopyranosyl]oxy}butanedioic acid' 'C12 H19 N O10'
#
# COMPACT_ATOMS: atom_id res chain seq x y z
N ARG A 4 7.37 28.70 -22.51
CA ARG A 4 6.24 27.80 -22.91
C ARG A 4 5.49 27.40 -21.66
N LYS A 5 4.19 27.70 -21.59
CA LYS A 5 3.35 27.28 -20.49
C LYS A 5 3.23 25.75 -20.56
N LEU A 6 3.22 25.12 -19.38
CA LEU A 6 3.28 23.66 -19.28
C LEU A 6 2.20 23.16 -18.36
N LYS A 7 1.95 21.87 -18.51
CA LYS A 7 1.00 21.17 -17.65
C LYS A 7 1.84 20.26 -16.74
N ILE A 8 1.81 20.55 -15.43
CA ILE A 8 2.71 19.94 -14.43
C ILE A 8 1.88 19.24 -13.35
N GLY A 9 2.06 17.93 -13.25
CA GLY A 9 1.53 17.17 -12.19
C GLY A 9 2.48 17.23 -10.99
N ILE A 10 1.91 17.29 -9.81
CA ILE A 10 2.67 17.25 -8.56
C ILE A 10 2.08 16.21 -7.66
N THR A 11 2.90 15.26 -7.28
CA THR A 11 2.48 14.25 -6.35
C THR A 11 3.38 14.25 -5.09
N CYS A 12 2.72 14.21 -3.94
CA CYS A 12 3.37 14.30 -2.62
C CYS A 12 2.33 14.02 -1.55
N TYR A 13 2.79 13.94 -0.32
CA TYR A 13 1.90 13.92 0.85
C TYR A 13 1.69 15.37 1.22
N PRO A 14 0.47 15.88 1.06
CA PRO A 14 0.27 17.32 0.81
C PRO A 14 0.53 18.29 1.98
N SER A 15 0.44 17.84 3.21
CA SER A 15 1.21 18.50 4.22
C SER A 15 1.67 17.68 5.37
N VAL A 16 2.68 16.91 5.05
CA VAL A 16 3.77 16.50 5.90
C VAL A 16 4.40 17.86 6.05
N GLY A 17 4.96 18.21 7.19
CA GLY A 17 5.32 19.59 7.36
C GLY A 17 6.02 20.47 6.35
N GLY A 18 7.30 20.23 6.19
CA GLY A 18 8.12 21.07 5.37
C GLY A 18 7.94 20.74 3.92
N SER A 19 8.07 19.48 3.56
CA SER A 19 8.03 19.14 2.12
C SER A 19 6.67 19.43 1.50
N GLY A 20 5.61 19.26 2.29
CA GLY A 20 4.29 19.59 1.78
C GLY A 20 4.05 21.08 1.58
N ILE A 21 4.69 21.92 2.40
CA ILE A 21 4.65 23.38 2.18
C ILE A 21 5.40 23.75 0.89
N ILE A 22 6.54 23.15 0.71
CA ILE A 22 7.37 23.40 -0.45
C ILE A 22 6.69 22.97 -1.75
N ALA A 23 6.12 21.78 -1.74
CA ALA A 23 5.49 21.28 -2.94
C ALA A 23 4.29 22.15 -3.31
N THR A 24 3.44 22.46 -2.35
CA THR A 24 2.29 23.32 -2.62
C THR A 24 2.65 24.78 -2.94
N GLU A 25 3.53 25.41 -2.21
CA GLU A 25 4.01 26.74 -2.56
C GLU A 25 4.62 26.78 -3.96
N LEU A 26 5.40 25.78 -4.30
CA LEU A 26 6.01 25.64 -5.61
C LEU A 26 4.92 25.57 -6.66
N GLY A 27 3.89 24.81 -6.41
CA GLY A 27 2.75 24.77 -7.30
C GLY A 27 2.13 26.15 -7.48
N LYS A 28 1.88 26.83 -6.38
CA LYS A 28 1.31 28.15 -6.41
C LYS A 28 2.12 29.08 -7.26
N GLN A 29 3.42 29.06 -7.07
CA GLN A 29 4.31 29.95 -7.77
C GLN A 29 4.30 29.71 -9.25
N LEU A 30 4.17 28.44 -9.65
CA LEU A 30 4.14 28.07 -11.08
C LEU A 30 2.80 28.45 -11.75
N ALA A 31 1.72 28.32 -11.01
CA ALA A 31 0.41 28.71 -11.46
C ALA A 31 0.38 30.24 -11.60
N GLU A 32 0.90 30.98 -10.61
CA GLU A 32 1.15 32.46 -10.70
C GLU A 32 2.01 32.92 -11.88
N LYS A 33 2.83 32.04 -12.44
CA LYS A 33 3.53 32.31 -13.69
C LYS A 33 2.77 31.60 -14.82
N GLY A 34 1.62 31.06 -14.49
CA GLY A 34 0.67 30.68 -15.52
C GLY A 34 0.70 29.26 -16.02
N HIS A 35 1.66 28.43 -15.57
CA HIS A 35 1.60 27.00 -15.90
C HIS A 35 0.29 26.39 -15.37
N GLU A 36 -0.11 25.28 -15.96
CA GLU A 36 -1.30 24.60 -15.50
C GLU A 36 -0.84 23.55 -14.49
N ILE A 37 -1.26 23.68 -13.24
CA ILE A 37 -0.88 22.75 -12.15
C ILE A 37 -1.95 21.75 -11.70
N HIS A 38 -1.53 20.49 -11.57
CA HIS A 38 -2.40 19.43 -11.13
C HIS A 38 -1.81 18.66 -9.99
N PHE A 39 -2.41 18.82 -8.82
CA PHE A 39 -2.01 18.05 -7.67
C PHE A 39 -2.71 16.71 -7.70
N ILE A 40 -1.95 15.64 -7.48
CA ILE A 40 -2.50 14.29 -7.43
C ILE A 40 -2.00 13.69 -6.12
N THR A 41 -2.92 13.55 -5.17
CA THR A 41 -2.57 13.22 -3.79
C THR A 41 -3.67 12.40 -3.05
N SER A 42 -3.55 12.38 -1.73
CA SER A 42 -4.63 11.99 -0.85
C SER A 42 -5.48 13.20 -0.42
N SER A 43 -4.83 14.34 -0.17
CA SER A 43 -5.44 15.53 0.47
C SER A 43 -5.98 15.27 1.86
N TYR A 51 -6.71 29.01 -4.00
CA TYR A 51 -7.81 29.73 -4.63
C TYR A 51 -7.62 29.85 -6.17
N HIS A 52 -6.36 29.93 -6.60
CA HIS A 52 -6.00 30.16 -8.02
C HIS A 52 -6.63 29.12 -8.95
N PRO A 53 -6.93 29.49 -10.22
CA PRO A 53 -7.60 28.51 -11.08
C PRO A 53 -6.73 27.90 -12.20
N ASN A 54 -5.43 28.14 -12.17
CA ASN A 54 -4.50 27.40 -13.00
C ASN A 54 -4.01 26.21 -12.14
N ILE A 55 -4.69 25.92 -11.05
CA ILE A 55 -4.32 24.89 -10.09
C ILE A 55 -5.51 23.98 -9.81
N HIS A 56 -5.35 22.68 -10.01
CA HIS A 56 -6.43 21.72 -9.70
C HIS A 56 -5.96 20.60 -8.82
N PHE A 57 -6.92 19.82 -8.37
CA PHE A 57 -6.67 18.83 -7.36
C PHE A 57 -7.32 17.53 -7.76
N HIS A 58 -6.56 16.45 -7.64
CA HIS A 58 -7.06 15.14 -7.90
C HIS A 58 -6.75 14.27 -6.75
N GLU A 59 -7.70 13.47 -6.33
CA GLU A 59 -7.55 12.71 -5.12
C GLU A 59 -7.53 11.24 -5.36
N VAL A 60 -6.73 10.55 -4.58
CA VAL A 60 -6.63 9.13 -4.63
C VAL A 60 -7.39 8.58 -3.45
N GLU A 61 -8.22 7.58 -3.69
CA GLU A 61 -9.00 6.92 -2.67
C GLU A 61 -8.52 5.51 -2.60
N VAL A 62 -8.36 4.96 -1.42
CA VAL A 62 -7.73 3.68 -1.30
C VAL A 62 -8.39 2.73 -0.33
N ASN A 63 -8.78 1.59 -0.86
CA ASN A 63 -9.60 0.65 -0.13
C ASN A 63 -9.13 -0.76 -0.29
N GLN A 64 -9.40 -1.61 0.66
CA GLN A 64 -9.06 -2.99 0.53
C GLN A 64 -10.11 -3.72 -0.32
N TYR A 65 -11.37 -3.43 -0.11
CA TYR A 65 -12.44 -4.11 -0.83
C TYR A 65 -12.48 -5.62 -0.58
N ALA A 66 -12.03 -6.04 0.57
CA ALA A 66 -11.95 -7.43 0.91
C ALA A 66 -11.11 -8.25 -0.06
N VAL A 67 -10.38 -7.61 -0.98
CA VAL A 67 -9.35 -8.33 -1.73
C VAL A 67 -7.91 -7.99 -1.25
N PHE A 68 -7.62 -6.72 -1.14
CA PHE A 68 -6.29 -6.31 -0.79
C PHE A 68 -6.05 -6.48 0.73
N LYS A 69 -4.90 -7.02 1.08
CA LYS A 69 -4.53 -7.26 2.46
C LYS A 69 -4.30 -5.92 3.11
N TYR A 70 -3.64 -5.02 2.40
CA TYR A 70 -3.49 -3.64 2.80
C TYR A 70 -3.99 -2.70 1.74
N PRO A 71 -4.45 -1.49 2.12
CA PRO A 71 -4.84 -0.54 1.06
C PRO A 71 -3.68 -0.19 0.09
N PRO A 72 -3.86 -0.38 -1.24
CA PRO A 72 -2.73 -0.24 -2.16
C PRO A 72 -2.69 1.20 -2.62
N TYR A 73 -2.08 2.01 -1.76
CA TYR A 73 -1.92 3.41 -2.01
C TYR A 73 -1.03 3.57 -3.19
N ASP A 74 0.06 2.82 -3.25
CA ASP A 74 1.08 3.05 -4.25
C ASP A 74 0.48 2.72 -5.62
N LEU A 75 -0.28 1.62 -5.73
CA LEU A 75 -0.89 1.26 -7.00
C LEU A 75 -2.05 2.13 -7.40
N THR A 76 -2.83 2.61 -6.45
CA THR A 76 -3.90 3.49 -6.75
C THR A 76 -3.36 4.84 -7.18
N LEU A 77 -2.30 5.30 -6.53
CA LEU A 77 -1.75 6.57 -6.85
C LEU A 77 -1.15 6.50 -8.25
N ALA A 78 -0.44 5.43 -8.59
CA ALA A 78 0.21 5.33 -9.90
C ALA A 78 -0.92 5.32 -10.98
N SER A 79 -1.96 4.58 -10.71
CA SER A 79 -3.14 4.59 -11.53
C SER A 79 -3.69 6.00 -11.74
N LYS A 80 -3.83 6.78 -10.68
CA LYS A 80 -4.37 8.11 -10.81
C LYS A 80 -3.46 9.05 -11.57
N ILE A 81 -2.16 8.92 -11.41
CA ILE A 81 -1.23 9.75 -12.12
C ILE A 81 -1.35 9.50 -13.60
N ALA A 82 -1.40 8.25 -13.99
CA ALA A 82 -1.61 7.83 -15.41
C ALA A 82 -2.91 8.38 -15.91
N GLU A 83 -3.95 8.31 -15.12
CA GLU A 83 -5.24 8.82 -15.50
C GLU A 83 -5.22 10.33 -15.72
N VAL A 84 -4.67 11.08 -14.79
CA VAL A 84 -4.62 12.51 -14.91
C VAL A 84 -3.69 12.92 -16.03
N ALA A 85 -2.59 12.20 -16.19
CA ALA A 85 -1.59 12.59 -17.16
C ALA A 85 -2.14 12.49 -18.57
N GLU A 86 -2.83 11.39 -18.83
CA GLU A 86 -3.46 11.17 -20.11
C GLU A 86 -4.53 12.22 -20.32
N ARG A 87 -5.47 12.31 -19.39
CA ARG A 87 -6.56 13.23 -19.58
C ARG A 87 -6.13 14.65 -19.89
N GLU A 88 -5.11 15.14 -19.18
CA GLU A 88 -4.77 16.56 -19.21
C GLU A 88 -3.50 16.77 -19.99
N ASN A 89 -2.98 15.72 -20.57
CA ASN A 89 -1.81 15.83 -21.42
C ASN A 89 -0.65 16.46 -20.69
N LEU A 90 -0.38 15.97 -19.47
CA LEU A 90 0.71 16.52 -18.66
C LEU A 90 2.06 16.37 -19.32
N ASP A 91 2.85 17.42 -19.27
CA ASP A 91 4.20 17.34 -19.75
C ASP A 91 5.10 16.73 -18.67
N ILE A 92 4.76 16.99 -17.39
CA ILE A 92 5.68 16.67 -16.26
C ILE A 92 4.91 16.06 -15.09
N ILE A 93 5.53 15.12 -14.40
CA ILE A 93 5.03 14.72 -13.07
C ILE A 93 6.20 14.94 -12.12
N HIS A 94 6.02 15.78 -11.11
CA HIS A 94 7.08 16.14 -10.17
C HIS A 94 6.77 15.45 -8.85
N ALA A 95 7.53 14.40 -8.53
CA ALA A 95 7.32 13.59 -7.30
C ALA A 95 8.16 14.16 -6.19
N HIS A 96 7.60 14.25 -4.99
CA HIS A 96 8.41 14.57 -3.77
C HIS A 96 8.50 13.33 -2.91
N TYR A 97 9.74 12.89 -2.69
CA TYR A 97 10.16 11.64 -2.11
C TYR A 97 10.39 10.62 -3.20
N ALA A 98 11.48 9.89 -3.07
CA ALA A 98 11.69 8.71 -3.92
C ALA A 98 10.65 7.65 -3.65
N LEU A 99 10.43 7.35 -2.36
CA LEU A 99 9.38 6.46 -1.92
C LEU A 99 8.28 7.12 -1.13
N PRO A 100 7.01 6.89 -1.53
CA PRO A 100 6.56 6.04 -2.67
C PRO A 100 6.51 6.73 -4.05
N HIS A 101 6.55 8.04 -4.01
CA HIS A 101 6.07 8.89 -5.06
C HIS A 101 6.84 8.74 -6.41
N ALA A 102 8.17 8.62 -6.40
CA ALA A 102 8.89 8.46 -7.66
C ALA A 102 8.58 7.10 -8.28
N VAL A 103 8.44 6.07 -7.46
CA VAL A 103 8.03 4.79 -7.95
C VAL A 103 6.62 4.78 -8.56
N CYS A 104 5.69 5.48 -7.94
CA CYS A 104 4.37 5.64 -8.49
C CYS A 104 4.40 6.40 -9.84
N ALA A 105 5.27 7.39 -9.94
CA ALA A 105 5.41 8.15 -11.18
C ALA A 105 6.03 7.28 -12.31
N TYR A 106 7.00 6.48 -11.95
CA TYR A 106 7.57 5.51 -12.84
C TYR A 106 6.53 4.55 -13.39
N LEU A 107 5.75 3.95 -12.52
CA LEU A 107 4.73 3.03 -12.98
C LEU A 107 3.80 3.73 -13.94
N ALA A 108 3.32 4.91 -13.58
CA ALA A 108 2.40 5.64 -14.43
C ALA A 108 2.96 5.89 -15.81
N LYS A 109 4.18 6.37 -15.84
CA LYS A 109 4.94 6.56 -17.08
C LYS A 109 4.98 5.34 -17.94
N GLN A 110 5.35 4.20 -17.35
CA GLN A 110 5.27 2.89 -18.03
C GLN A 110 3.88 2.56 -18.54
N MET A 111 2.81 2.83 -17.77
CA MET A 111 1.42 2.73 -18.28
C MET A 111 1.07 3.69 -19.46
N LEU A 112 1.69 4.87 -19.49
CA LEU A 112 1.38 5.85 -20.49
C LEU A 112 1.97 5.59 -21.88
N LYS A 113 1.12 5.82 -22.88
CA LYS A 113 1.51 5.81 -24.29
C LYS A 113 2.42 7.04 -24.59
N ARG A 114 1.94 8.25 -24.25
CA ARG A 114 2.79 9.45 -24.15
C ARG A 114 4.09 9.19 -23.41
N ASN A 115 5.17 9.78 -23.89
CA ASN A 115 6.29 10.07 -23.00
C ASN A 115 5.82 11.17 -22.00
N ILE A 116 6.51 11.25 -20.86
CA ILE A 116 6.27 12.27 -19.84
C ILE A 116 7.59 12.39 -19.05
N GLY A 117 7.93 13.59 -18.62
CA GLY A 117 9.12 13.80 -17.80
C GLY A 117 8.86 13.57 -16.30
N ILE A 118 9.66 12.73 -15.68
CA ILE A 118 9.53 12.50 -14.24
C ILE A 118 10.61 13.27 -13.51
N VAL A 119 10.19 14.22 -12.71
CA VAL A 119 11.09 14.96 -11.81
C VAL A 119 10.81 14.51 -10.39
N THR A 120 11.86 14.13 -9.70
CA THR A 120 11.73 13.69 -8.29
C THR A 120 12.55 14.58 -7.41
N THR A 121 11.99 15.08 -6.31
CA THR A 121 12.81 15.87 -5.40
C THR A 121 12.98 15.05 -4.11
N LEU A 122 14.21 14.94 -3.63
CA LEU A 122 14.51 14.25 -2.43
C LEU A 122 14.49 15.29 -1.31
N HIS A 123 13.83 14.93 -0.23
CA HIS A 123 13.82 15.78 0.95
C HIS A 123 14.49 15.18 2.14
N GLY A 124 14.87 13.92 2.06
CA GLY A 124 15.67 13.23 3.12
C GLY A 124 14.93 12.12 3.82
N THR A 125 13.67 11.92 3.46
CA THR A 125 12.88 10.85 4.07
C THR A 125 13.29 9.51 3.59
N ASP A 126 13.88 9.45 2.39
CA ASP A 126 14.30 8.19 1.91
C ASP A 126 15.51 7.69 2.73
N ILE A 127 16.32 8.63 3.23
CA ILE A 127 17.34 8.26 4.19
C ILE A 127 16.71 7.69 5.48
N THR A 128 15.67 8.37 5.94
CA THR A 128 14.96 7.89 7.15
C THR A 128 14.45 6.49 6.92
N VAL A 129 13.77 6.26 5.78
CA VAL A 129 13.20 4.92 5.47
C VAL A 129 14.26 3.86 5.50
N LEU A 130 15.37 4.12 4.79
CA LEU A 130 16.49 3.20 4.74
C LEU A 130 17.09 2.86 6.14
N GLY A 131 17.21 3.84 7.02
CA GLY A 131 17.65 3.55 8.37
C GLY A 131 16.76 2.48 8.99
N TYR A 132 15.44 2.58 8.81
CA TYR A 132 14.52 1.65 9.50
C TYR A 132 14.50 0.33 8.75
N ASP A 133 14.55 0.36 7.42
CA ASP A 133 14.52 -0.88 6.66
C ASP A 133 15.60 -0.89 5.60
N PRO A 134 16.78 -1.42 5.97
CA PRO A 134 17.91 -1.51 5.06
C PRO A 134 17.64 -2.33 3.78
N SER A 135 16.72 -3.29 3.83
CA SER A 135 16.32 -3.98 2.60
C SER A 135 15.72 -3.09 1.46
N LEU A 136 15.36 -1.83 1.72
CA LEU A 136 14.76 -1.05 0.63
C LEU A 136 15.81 -0.27 -0.15
N LYS A 137 17.10 -0.46 0.17
CA LYS A 137 18.14 0.29 -0.55
C LYS A 137 17.98 0.18 -2.09
N ASP A 138 17.86 -1.03 -2.60
CA ASP A 138 17.88 -1.24 -4.09
C ASP A 138 16.63 -0.60 -4.71
N LEU A 139 15.51 -0.64 -3.95
CA LEU A 139 14.27 0.02 -4.43
C LEU A 139 14.45 1.51 -4.49
N ILE A 140 14.97 2.06 -3.41
CA ILE A 140 15.22 3.44 -3.41
C ILE A 140 16.19 3.82 -4.60
N ARG A 141 17.24 3.04 -4.80
CA ARG A 141 18.17 3.35 -5.91
C ARG A 141 17.44 3.26 -7.22
N PHE A 142 16.61 2.24 -7.34
CA PHE A 142 15.75 2.13 -8.54
C PHE A 142 14.83 3.34 -8.79
N ALA A 143 14.21 3.84 -7.72
CA ALA A 143 13.37 4.99 -7.82
C ALA A 143 14.13 6.16 -8.35
N ILE A 144 15.32 6.36 -7.81
CA ILE A 144 16.08 7.50 -8.19
C ILE A 144 16.53 7.34 -9.67
N GLU A 145 17.07 6.19 -9.98
CA GLU A 145 17.64 5.96 -11.31
C GLU A 145 16.56 6.04 -12.40
N SER A 146 15.34 5.62 -12.08
CA SER A 146 14.23 5.66 -13.04
C SER A 146 13.50 6.98 -13.20
N SER A 147 13.84 8.00 -12.43
CA SER A 147 13.31 9.33 -12.66
C SER A 147 14.17 9.99 -13.77
N ASP A 148 13.60 10.91 -14.52
CA ASP A 148 14.34 11.59 -15.62
C ASP A 148 15.32 12.61 -15.04
N ARG A 149 14.84 13.40 -14.08
CA ARG A 149 15.68 14.41 -13.40
C ARG A 149 15.46 14.31 -11.88
N VAL A 150 16.50 14.40 -11.06
CA VAL A 150 16.30 14.30 -9.63
C VAL A 150 16.95 15.50 -8.99
N THR A 151 16.26 16.05 -7.98
CA THR A 151 16.71 17.18 -7.21
C THR A 151 16.78 16.78 -5.72
N ALA A 152 17.56 17.53 -4.97
CA ALA A 152 17.70 17.31 -3.51
C ALA A 152 17.70 18.72 -2.93
N VAL A 153 17.09 18.88 -1.77
CA VAL A 153 16.92 20.17 -1.17
C VAL A 153 18.21 20.73 -0.51
N SER A 154 19.25 19.93 -0.40
CA SER A 154 20.59 20.45 -0.08
C SER A 154 21.70 19.65 -0.76
N SER A 155 22.91 20.22 -0.87
CA SER A 155 24.06 19.42 -1.38
C SER A 155 24.51 18.36 -0.40
N ALA A 156 24.41 18.61 0.91
CA ALA A 156 24.54 17.52 1.88
C ALA A 156 23.65 16.31 1.67
N LEU A 157 22.36 16.53 1.41
CA LEU A 157 21.48 15.41 1.13
C LEU A 157 21.89 14.71 -0.16
N ALA A 158 22.18 15.46 -1.22
CA ALA A 158 22.64 14.84 -2.47
C ALA A 158 23.81 13.94 -2.21
N ALA A 159 24.78 14.41 -1.38
CA ALA A 159 25.98 13.62 -1.08
C ALA A 159 25.76 12.43 -0.21
N GLU A 160 24.93 12.56 0.82
CA GLU A 160 24.56 11.43 1.61
C GLU A 160 23.76 10.40 0.81
N THR A 161 22.84 10.83 -0.03
CA THR A 161 22.16 9.90 -0.90
C THR A 161 23.13 9.02 -1.74
N TYR A 162 23.97 9.70 -2.50
N TYR A 162 24.05 9.66 -2.47
CA TYR A 162 25.06 9.07 -3.22
CA TYR A 162 25.12 8.91 -3.15
C TYR A 162 25.88 8.09 -2.34
C TYR A 162 25.82 7.96 -2.24
N ASP A 163 26.28 8.47 -1.13
CA ASP A 163 27.09 7.64 -0.24
C ASP A 163 26.33 6.44 0.34
N LEU A 164 25.04 6.56 0.54
CA LEU A 164 24.27 5.50 1.15
C LEU A 164 23.53 4.64 0.14
N ILE A 165 23.02 5.23 -0.92
CA ILE A 165 22.21 4.56 -1.93
C ILE A 165 22.98 4.26 -3.19
N LYS A 166 23.88 5.13 -3.56
CA LYS A 166 24.73 4.95 -4.73
C LYS A 166 23.98 4.90 -6.05
N PRO A 167 22.96 5.85 -6.17
CA PRO A 167 22.31 5.82 -7.48
C PRO A 167 23.23 6.45 -8.46
N GLU A 168 23.32 5.87 -9.64
CA GLU A 168 24.03 6.53 -10.69
C GLU A 168 22.98 7.31 -11.48
N LYS A 169 22.89 8.55 -11.06
CA LYS A 169 21.96 9.53 -11.52
C LYS A 169 22.50 10.80 -10.94
N LYS A 170 22.35 11.88 -11.68
CA LYS A 170 22.73 13.19 -11.21
C LYS A 170 21.65 13.66 -10.22
N ILE A 171 22.07 14.11 -9.06
CA ILE A 171 21.15 14.78 -8.16
C ILE A 171 21.51 16.23 -8.02
N GLU A 172 20.60 17.10 -8.43
CA GLU A 172 20.88 18.53 -8.56
C GLU A 172 20.38 19.23 -7.31
N THR A 173 21.20 20.09 -6.72
CA THR A 173 20.76 20.87 -5.51
C THR A 173 19.89 22.03 -5.89
N ILE A 174 18.65 22.04 -5.39
CA ILE A 174 17.76 23.15 -5.53
C ILE A 174 17.19 23.30 -4.12
N TYR A 175 17.42 24.48 -3.53
CA TYR A 175 17.20 24.69 -2.10
C TYR A 175 15.74 24.88 -1.92
N ASN A 176 15.32 24.83 -0.67
CA ASN A 176 14.04 25.32 -0.29
C ASN A 176 14.05 26.83 -0.24
N PHE A 177 12.84 27.40 -0.29
CA PHE A 177 12.64 28.87 -0.36
C PHE A 177 11.56 29.34 0.62
N ILE A 178 11.46 30.64 0.81
CA ILE A 178 10.33 31.21 1.56
C ILE A 178 9.72 32.30 0.70
N LYS A 186 4.38 43.24 13.58
CA LYS A 186 3.27 42.65 14.33
C LYS A 186 3.07 43.37 15.70
N ASN A 187 1.89 43.24 16.30
CA ASN A 187 1.67 43.72 17.66
C ASN A 187 2.25 42.72 18.66
N THR A 188 3.57 42.77 18.82
CA THR A 188 4.22 41.81 19.65
C THR A 188 3.73 41.91 21.11
N ALA A 189 3.32 43.12 21.53
CA ALA A 189 2.81 43.34 22.88
C ALA A 189 1.62 42.44 23.11
N ALA A 190 0.60 42.59 22.26
CA ALA A 190 -0.63 41.80 22.38
C ALA A 190 -0.37 40.28 22.36
N ILE A 191 0.39 39.80 21.38
CA ILE A 191 0.76 38.38 21.32
C ILE A 191 1.47 37.93 22.57
N LYS A 192 2.37 38.73 23.09
CA LYS A 192 3.09 38.30 24.26
C LYS A 192 2.16 38.21 25.46
N GLU A 193 1.16 39.09 25.45
CA GLU A 193 0.15 39.16 26.48
C GLU A 193 -0.77 37.98 26.48
N LYS A 194 -1.24 37.62 25.30
CA LYS A 194 -1.97 36.40 25.04
C LYS A 194 -1.28 35.17 25.61
N HIS A 195 0.03 35.15 25.68
CA HIS A 195 0.76 33.98 26.14
C HIS A 195 1.35 34.14 27.53
N GLY A 196 0.93 35.18 28.25
CA GLY A 196 1.49 35.42 29.57
C GLY A 196 2.99 35.65 29.56
N ILE A 197 3.53 36.14 28.44
CA ILE A 197 4.94 36.48 28.35
C ILE A 197 5.01 37.91 28.78
N LEU A 198 5.89 38.19 29.73
CA LEU A 198 6.00 39.52 30.33
C LEU A 198 7.07 40.26 29.52
N PRO A 199 7.13 41.59 29.66
CA PRO A 199 7.95 42.38 28.75
C PRO A 199 9.44 42.32 29.03
N ASP A 200 9.83 41.71 30.15
CA ASP A 200 11.25 41.61 30.45
C ASP A 200 11.74 40.16 30.32
N GLU A 201 10.91 39.34 29.68
CA GLU A 201 11.27 37.96 29.40
C GLU A 201 11.77 37.82 27.96
N LYS A 202 13.02 37.37 27.85
CA LYS A 202 13.59 36.79 26.63
C LYS A 202 12.86 35.50 26.23
N VAL A 203 12.81 35.24 24.93
CA VAL A 203 11.92 34.20 24.42
C VAL A 203 12.71 33.38 23.42
N VAL A 204 12.90 32.11 23.72
CA VAL A 204 13.61 31.19 22.90
C VAL A 204 12.54 30.35 22.20
N ILE A 205 12.70 30.06 20.90
CA ILE A 205 11.70 29.25 20.20
C ILE A 205 12.30 28.00 19.53
N HIS A 206 11.52 26.90 19.51
CA HIS A 206 11.86 25.67 18.78
C HIS A 206 10.62 25.13 18.14
N VAL A 207 10.69 24.93 16.82
CA VAL A 207 9.60 24.44 15.97
C VAL A 207 10.05 23.14 15.28
N SER A 208 9.33 22.08 15.57
CA SER A 208 9.63 20.77 14.99
C SER A 208 8.45 19.78 15.06
N ASN A 209 8.72 18.59 14.51
CA ASN A 209 7.77 17.48 14.52
C ASN A 209 8.08 16.53 15.67
N PHE A 210 9.04 16.90 16.50
CA PHE A 210 9.34 16.21 17.73
C PHE A 210 9.78 14.76 17.55
N ARG A 211 10.62 14.53 16.57
CA ARG A 211 11.11 13.23 16.34
C ARG A 211 12.39 13.16 17.07
N LYS A 212 12.90 11.95 17.24
CA LYS A 212 14.13 11.76 17.98
C LYS A 212 15.31 12.54 17.39
N VAL A 213 15.41 12.56 16.05
CA VAL A 213 16.52 13.24 15.41
C VAL A 213 16.55 14.76 15.59
N LYS A 214 15.47 15.34 16.08
CA LYS A 214 15.42 16.73 16.46
C LYS A 214 16.08 17.01 17.82
N ARG A 215 16.25 16.01 18.68
CA ARG A 215 16.99 16.23 19.94
C ARG A 215 16.42 17.36 20.79
N VAL A 216 15.11 17.33 20.96
CA VAL A 216 14.41 18.32 21.76
C VAL A 216 14.94 18.33 23.19
N GLN A 217 15.45 17.19 23.62
CA GLN A 217 16.07 17.09 24.94
C GLN A 217 17.24 18.09 24.99
N ASP A 218 18.03 18.16 23.93
CA ASP A 218 19.13 19.12 23.88
C ASP A 218 18.69 20.58 23.87
N VAL A 219 17.54 20.83 23.26
CA VAL A 219 16.98 22.15 23.20
C VAL A 219 16.64 22.54 24.63
N ILE A 220 16.06 21.59 25.35
CA ILE A 220 15.55 21.86 26.70
C ILE A 220 16.70 22.05 27.67
N ARG A 221 17.79 21.30 27.53
CA ARG A 221 19.00 21.54 28.38
C ARG A 221 19.61 22.92 28.20
N VAL A 222 19.90 23.25 26.96
CA VAL A 222 20.27 24.60 26.58
C VAL A 222 19.33 25.63 27.19
N PHE A 223 18.01 25.45 27.05
CA PHE A 223 17.12 26.47 27.60
C PHE A 223 17.19 26.62 29.15
N ARG A 224 17.42 25.51 29.84
CA ARG A 224 17.50 25.50 31.30
C ARG A 224 18.64 26.39 31.70
N ASN A 225 19.76 26.20 31.02
CA ASN A 225 20.93 27.05 31.19
C ASN A 225 20.63 28.52 30.96
N ILE A 226 19.81 28.81 29.96
CA ILE A 226 19.50 30.19 29.64
C ILE A 226 18.58 30.77 30.72
N ALA A 227 17.51 30.03 31.01
CA ALA A 227 16.49 30.48 31.98
C ALA A 227 17.09 30.59 33.37
N GLY A 228 18.21 29.90 33.61
CA GLY A 228 19.04 30.07 34.80
C GLY A 228 19.94 31.30 34.77
N LYS A 229 20.15 31.92 33.61
CA LYS A 229 21.04 33.09 33.48
C LYS A 229 20.26 34.36 33.19
N THR A 230 18.97 34.25 32.96
CA THR A 230 18.22 35.41 32.58
C THR A 230 16.78 35.00 32.52
N LYS A 231 15.90 35.98 32.65
CA LYS A 231 14.47 35.71 32.66
C LYS A 231 13.93 35.37 31.27
N ALA A 232 13.45 34.13 31.10
CA ALA A 232 13.18 33.56 29.76
C ALA A 232 11.97 32.62 29.68
N LYS A 233 11.24 32.68 28.58
CA LYS A 233 10.27 31.67 28.22
C LYS A 233 10.76 30.85 26.99
N LEU A 234 10.17 29.67 26.82
CA LEU A 234 10.44 28.76 25.71
C LEU A 234 9.13 28.37 25.02
N LEU A 235 9.04 28.67 23.72
CA LEU A 235 7.92 28.22 22.95
C LEU A 235 8.37 26.92 22.27
N LEU A 236 7.68 25.85 22.63
CA LEU A 236 7.92 24.59 21.95
C LEU A 236 6.76 24.39 21.04
N VAL A 237 7.03 24.38 19.73
CA VAL A 237 5.93 24.40 18.80
C VAL A 237 5.92 23.19 17.88
N GLY A 238 4.81 22.49 17.88
CA GLY A 238 4.60 21.33 17.08
C GLY A 238 4.20 20.15 17.92
N ASP A 239 3.97 19.01 17.30
CA ASP A 239 3.66 17.77 18.03
C ASP A 239 4.46 16.59 17.47
N GLY A 240 4.52 15.52 18.23
CA GLY A 240 5.24 14.36 17.81
C GLY A 240 5.63 13.47 18.95
N PRO A 241 6.07 12.30 18.61
CA PRO A 241 6.22 11.26 19.61
C PRO A 241 6.99 11.71 20.85
N GLU A 242 7.99 12.56 20.65
CA GLU A 242 8.92 12.90 21.70
C GLU A 242 8.44 14.08 22.52
N LYS A 243 7.19 14.46 22.34
CA LYS A 243 6.70 15.57 23.10
C LYS A 243 6.67 15.20 24.60
N SER A 244 6.31 13.95 24.88
CA SER A 244 6.21 13.42 26.24
C SER A 244 7.56 13.41 26.92
N THR A 245 8.56 12.89 26.24
CA THR A 245 9.97 13.00 26.64
C THR A 245 10.26 14.44 27.08
N ALA A 246 9.85 15.38 26.22
CA ALA A 246 10.10 16.80 26.43
C ALA A 246 9.45 17.26 27.74
N CYS A 247 8.14 17.04 27.91
CA CYS A 247 7.40 17.40 29.13
C CYS A 247 7.95 16.90 30.44
N GLU A 248 8.59 15.73 30.41
CA GLU A 248 9.16 15.12 31.60
C GLU A 248 10.46 15.79 31.94
N LEU A 249 11.17 16.21 30.89
CA LEU A 249 12.45 16.85 31.08
C LEU A 249 12.19 18.23 31.65
N ILE A 250 11.09 18.82 31.21
CA ILE A 250 10.67 20.09 31.73
C ILE A 250 10.39 19.91 33.26
N ARG A 251 9.41 19.08 33.61
CA ARG A 251 9.15 18.76 35.03
C ARG A 251 10.44 18.35 35.78
N LYS A 252 11.29 17.51 35.19
CA LYS A 252 12.51 17.12 35.89
C LYS A 252 13.40 18.33 36.28
N TYR A 253 13.30 19.39 35.50
CA TYR A 253 14.01 20.64 35.77
C TYR A 253 13.07 21.71 36.36
N GLY A 254 11.79 21.39 36.57
CA GLY A 254 10.79 22.34 37.08
C GLY A 254 10.54 23.59 36.25
N LEU A 255 10.61 23.46 34.92
CA LEU A 255 10.45 24.62 34.04
C LEU A 255 9.04 24.74 33.51
N GLU A 256 8.11 24.00 34.11
CA GLU A 256 6.76 23.95 33.54
C GLU A 256 6.23 25.32 33.25
N ASP A 257 6.52 26.25 34.15
CA ASP A 257 5.87 27.54 34.13
C ASP A 257 6.55 28.44 33.10
N GLN A 258 7.79 28.12 32.79
CA GLN A 258 8.57 28.86 31.81
C GLN A 258 8.52 28.30 30.36
N VAL A 259 7.64 27.31 30.11
CA VAL A 259 7.48 26.70 28.75
C VAL A 259 6.02 26.74 28.28
N LEU A 260 5.84 27.15 27.05
CA LEU A 260 4.56 27.06 26.43
C LEU A 260 4.66 25.95 25.45
N MET A 261 3.74 25.02 25.52
CA MET A 261 3.71 23.96 24.54
C MET A 261 2.53 24.18 23.69
N LEU A 262 2.77 24.50 22.44
CA LEU A 262 1.68 24.68 21.53
C LEU A 262 1.74 23.65 20.44
N GLY A 263 0.59 23.34 19.90
CA GLY A 263 0.54 22.47 18.71
C GLY A 263 0.93 23.32 17.52
N ASN A 264 0.41 22.99 16.35
CA ASN A 264 0.58 23.84 15.18
C ASN A 264 -0.59 24.79 15.05
N GLN A 265 -0.35 25.97 14.50
CA GLN A 265 -1.45 26.80 14.01
C GLN A 265 -1.06 27.25 12.61
N VAL A 268 2.39 30.46 12.53
CA VAL A 268 3.60 30.37 13.35
C VAL A 268 4.40 31.71 13.32
N GLU A 269 4.16 32.55 12.31
CA GLU A 269 4.78 33.89 12.23
C GLU A 269 4.64 34.69 13.52
N ASP A 270 3.45 34.62 14.13
CA ASP A 270 3.14 35.36 15.37
C ASP A 270 4.17 35.06 16.36
N LEU A 271 4.53 33.77 16.46
CA LEU A 271 5.43 33.30 17.49
C LEU A 271 6.87 33.60 17.23
N TYR A 272 7.23 33.39 15.96
CA TYR A 272 8.52 33.83 15.51
C TYR A 272 8.67 35.34 15.85
N SER A 273 7.66 36.18 15.61
CA SER A 273 7.83 37.62 15.85
C SER A 273 8.07 38.02 17.32
N ILE A 274 7.67 37.19 18.27
CA ILE A 274 7.92 37.56 19.67
C ILE A 274 9.16 36.90 20.19
N SER A 275 9.85 36.15 19.32
CA SER A 275 11.04 35.43 19.76
C SER A 275 12.35 36.15 19.53
N ASP A 276 13.29 35.95 20.46
CA ASP A 276 14.66 36.45 20.33
C ASP A 276 15.64 35.42 19.82
N LEU A 277 15.32 34.12 19.88
CA LEU A 277 16.31 33.14 19.45
C LEU A 277 15.60 31.86 19.06
N LYS A 278 16.07 31.24 17.98
CA LYS A 278 15.50 30.00 17.45
C LYS A 278 16.55 28.95 17.54
N LEU A 279 16.20 27.78 18.09
CA LEU A 279 17.10 26.66 18.17
C LEU A 279 16.60 25.46 17.36
N LEU A 280 17.55 24.89 16.64
CA LEU A 280 17.37 23.69 15.83
C LEU A 280 18.62 22.90 16.02
N LEU A 281 18.55 21.87 16.87
CA LEU A 281 19.77 21.16 17.27
C LEU A 281 19.75 19.72 16.84
N SER A 282 19.27 19.48 15.63
CA SER A 282 19.03 18.10 15.15
C SER A 282 20.26 17.34 14.91
N GLU A 283 20.15 16.03 14.98
CA GLU A 283 21.25 15.18 14.47
C GLU A 283 21.14 14.79 12.97
N LYS A 284 19.98 15.00 12.39
CA LYS A 284 19.68 14.74 10.95
C LYS A 284 18.73 15.85 10.49
N GLU A 285 19.10 16.56 9.45
CA GLU A 285 18.32 17.67 8.95
C GLU A 285 18.78 17.99 7.52
N SER A 286 18.00 17.59 6.52
CA SER A 286 18.41 17.82 5.12
C SER A 286 18.41 19.30 4.76
N PHE A 287 17.47 20.04 5.31
CA PHE A 287 17.43 21.46 5.07
C PHE A 287 17.12 22.30 6.36
N GLY A 288 15.93 22.12 6.91
CA GLY A 288 15.49 22.94 8.04
C GLY A 288 14.72 24.15 7.64
N LEU A 289 13.58 23.91 7.02
CA LEU A 289 12.78 24.97 6.56
C LEU A 289 12.39 25.96 7.67
N VAL A 290 12.22 25.45 8.89
CA VAL A 290 11.93 26.35 10.03
C VAL A 290 12.94 27.44 10.18
N LEU A 291 14.19 27.13 9.84
CA LEU A 291 15.19 28.15 9.77
C LEU A 291 14.82 29.33 8.91
N LEU A 292 14.32 29.09 7.68
CA LEU A 292 14.03 30.22 6.80
C LEU A 292 12.84 31.01 7.35
N GLU A 293 11.85 30.32 7.93
CA GLU A 293 10.74 31.04 8.53
C GLU A 293 11.21 31.90 9.72
N ALA A 294 12.08 31.37 10.54
CA ALA A 294 12.61 32.14 11.62
C ALA A 294 13.32 33.37 11.12
N MET A 295 14.24 33.15 10.18
CA MET A 295 15.01 34.26 9.56
C MET A 295 14.19 35.39 8.98
N ALA A 296 13.16 35.01 8.30
CA ALA A 296 12.28 35.93 7.71
C ALA A 296 11.54 36.80 8.73
N CYS A 297 11.34 36.25 9.93
CA CYS A 297 10.70 37.00 11.04
C CYS A 297 11.68 37.67 11.96
N GLY A 298 12.96 37.69 11.57
CA GLY A 298 13.97 38.50 12.22
C GLY A 298 14.50 37.83 13.46
N VAL A 299 14.44 36.50 13.49
CA VAL A 299 14.94 35.73 14.65
C VAL A 299 16.26 35.05 14.36
N PRO A 300 17.30 35.33 15.15
CA PRO A 300 18.58 34.69 14.99
C PRO A 300 18.54 33.24 15.36
N CYS A 301 19.35 32.46 14.65
CA CYS A 301 19.26 31.03 14.76
C CYS A 301 20.55 30.45 15.23
N ILE A 302 20.44 29.43 16.05
CA ILE A 302 21.56 28.54 16.30
C ILE A 302 21.19 27.16 15.82
N GLY A 303 22.08 26.57 15.02
CA GLY A 303 21.83 25.22 14.45
C GLY A 303 22.98 24.29 14.64
N THR A 304 22.74 23.00 14.45
CA THR A 304 23.82 22.07 14.53
C THR A 304 24.54 22.02 13.19
N ASN A 305 25.79 21.58 13.23
CA ASN A 305 26.69 21.61 12.10
C ASN A 305 26.57 20.34 11.20
N ILE A 306 25.34 19.95 10.87
CA ILE A 306 25.05 18.69 10.15
C ILE A 306 24.04 18.92 9.02
N GLY A 307 24.07 18.02 8.06
CA GLY A 307 23.17 18.08 6.91
C GLY A 307 23.21 19.37 6.18
N GLY A 308 22.04 19.87 5.86
CA GLY A 308 21.97 21.09 5.15
C GLY A 308 22.01 22.31 6.03
N ILE A 309 21.98 22.14 7.36
CA ILE A 309 21.93 23.35 8.18
C ILE A 309 23.14 24.29 7.91
N PRO A 310 24.36 23.75 7.76
CA PRO A 310 25.49 24.66 7.35
C PRO A 310 25.33 25.34 5.97
N GLU A 311 24.38 24.92 5.15
CA GLU A 311 24.05 25.61 3.89
C GLU A 311 23.08 26.73 4.02
N VAL A 312 22.48 26.85 5.21
CA VAL A 312 21.53 27.88 5.49
C VAL A 312 22.15 28.90 6.42
N ILE A 313 22.77 28.43 7.51
CA ILE A 313 23.40 29.29 8.46
C ILE A 313 24.91 29.50 8.15
N LYS A 314 25.34 30.76 8.05
CA LYS A 314 26.77 31.07 8.04
C LYS A 314 27.23 31.41 9.48
N ASN A 315 28.06 30.53 10.02
CA ASN A 315 28.49 30.63 11.39
C ASN A 315 29.21 31.97 11.66
N ASN A 316 28.74 32.64 12.71
CA ASN A 316 29.18 33.97 13.11
C ASN A 316 28.82 35.07 12.17
N VAL A 317 27.87 34.82 11.26
CA VAL A 317 27.53 35.82 10.31
C VAL A 317 26.05 35.98 10.15
N SER A 318 25.35 34.86 9.94
CA SER A 318 23.89 34.88 9.90
C SER A 318 23.31 33.89 10.98
N GLY A 319 24.05 33.69 12.05
CA GLY A 319 23.66 32.75 13.12
C GLY A 319 24.89 32.00 13.57
N PHE A 320 24.71 31.01 14.45
CA PHE A 320 25.78 30.17 14.92
C PHE A 320 25.51 28.71 14.60
N LEU A 321 26.59 27.99 14.41
CA LEU A 321 26.54 26.57 14.23
C LEU A 321 27.31 25.94 15.34
N VAL A 322 26.84 24.80 15.81
CA VAL A 322 27.54 24.04 16.85
C VAL A 322 27.51 22.56 16.51
N ASP A 323 28.27 21.79 17.26
CA ASP A 323 28.26 20.36 17.11
C ASP A 323 27.06 19.75 17.72
N VAL A 324 26.62 18.67 17.08
CA VAL A 324 25.51 17.88 17.56
C VAL A 324 25.77 17.50 18.99
N GLY A 325 24.83 17.82 19.88
CA GLY A 325 24.97 17.37 21.27
C GLY A 325 25.68 18.38 22.15
N ASP A 326 26.47 19.26 21.56
CA ASP A 326 27.23 20.27 22.32
C ASP A 326 26.31 21.31 22.97
N VAL A 327 25.67 20.92 24.07
CA VAL A 327 24.85 21.85 24.88
C VAL A 327 25.67 23.01 25.47
N THR A 328 26.92 22.73 25.75
CA THR A 328 27.78 23.75 26.28
C THR A 328 27.93 24.84 25.24
N ALA A 329 28.43 24.50 24.02
CA ALA A 329 28.66 25.54 22.98
C ALA A 329 27.38 26.25 22.68
N ALA A 330 26.29 25.53 22.63
CA ALA A 330 25.00 26.09 22.28
C ALA A 330 24.52 27.12 23.26
N THR A 331 24.72 26.86 24.53
CA THR A 331 24.35 27.81 25.56
C THR A 331 25.19 29.06 25.44
N ALA A 332 26.48 28.91 25.26
CA ALA A 332 27.35 30.10 25.11
C ALA A 332 26.93 31.00 23.96
N ARG A 333 26.61 30.40 22.79
CA ARG A 333 26.15 31.22 21.66
C ARG A 333 24.85 31.90 21.93
N ALA A 334 23.97 31.15 22.57
CA ALA A 334 22.68 31.68 22.86
C ALA A 334 22.84 32.92 23.71
N MET A 335 23.65 32.82 24.75
CA MET A 335 23.82 33.92 25.65
C MET A 335 24.42 35.13 24.95
N SER A 336 25.39 34.92 24.06
CA SER A 336 25.91 36.04 23.27
C SER A 336 24.86 36.73 22.46
N ILE A 337 23.92 35.99 21.92
CA ILE A 337 22.86 36.58 21.14
C ILE A 337 21.89 37.33 22.03
N LEU A 338 21.49 36.73 23.13
CA LEU A 338 20.42 37.27 23.93
C LEU A 338 20.82 38.57 24.63
N GLU A 339 22.10 38.74 24.87
CA GLU A 339 22.59 39.95 25.58
C GLU A 339 23.48 40.87 24.75
N ASP A 340 23.55 40.63 23.44
CA ASP A 340 24.19 41.57 22.53
C ASP A 340 23.21 41.90 21.39
N GLU A 341 22.48 43.00 21.59
CA GLU A 341 21.56 43.48 20.59
C GLU A 341 22.29 43.75 19.24
N GLN A 342 23.58 44.06 19.33
CA GLN A 342 24.41 44.39 18.17
C GLN A 342 24.58 43.16 17.28
N LEU A 343 25.07 42.09 17.89
CA LEU A 343 25.24 40.79 17.27
C LEU A 343 23.92 40.29 16.75
N SER A 344 22.92 40.33 17.60
CA SER A 344 21.65 39.82 17.17
C SER A 344 21.17 40.55 15.91
N ASN A 345 21.29 41.87 15.89
CA ASN A 345 20.81 42.60 14.74
C ASN A 345 21.67 42.34 13.47
N ARG A 346 22.93 42.03 13.62
CA ARG A 346 23.73 41.85 12.40
C ARG A 346 23.41 40.50 11.80
N PHE A 347 23.26 39.47 12.66
CA PHE A 347 22.85 38.15 12.25
C PHE A 347 21.57 38.25 11.50
N THR A 348 20.64 38.96 12.10
CA THR A 348 19.31 39.13 11.59
C THR A 348 19.26 39.73 10.16
N LYS A 349 20.03 40.82 10.00
CA LYS A 349 20.12 41.50 8.68
C LYS A 349 20.82 40.59 7.64
N ALA A 350 21.92 39.96 8.00
CA ALA A 350 22.63 39.08 7.07
C ALA A 350 21.70 37.92 6.65
N ALA A 351 21.00 37.34 7.62
CA ALA A 351 20.07 36.22 7.30
C ALA A 351 18.99 36.59 6.31
N ILE A 352 18.43 37.76 6.46
CA ILE A 352 17.43 38.23 5.52
C ILE A 352 18.07 38.48 4.11
N GLU A 353 19.35 38.86 4.05
CA GLU A 353 19.94 39.13 2.73
C GLU A 353 20.12 37.80 2.02
N MET A 354 20.60 36.79 2.75
CA MET A 354 20.63 35.41 2.25
C MET A 354 19.30 34.97 1.70
N LEU A 355 18.25 35.20 2.46
CA LEU A 355 16.90 34.91 2.03
C LEU A 355 16.51 35.49 0.69
N GLU A 356 16.86 36.73 0.46
CA GLU A 356 16.43 37.38 -0.77
C GLU A 356 17.32 36.99 -1.95
N ASN A 357 18.49 36.46 -1.66
CA ASN A 357 19.37 36.03 -2.70
C ASN A 357 19.22 34.52 -2.89
N GLU A 358 19.88 33.74 -2.06
CA GLU A 358 19.93 32.28 -2.22
C GLU A 358 18.61 31.53 -2.10
N PHE A 359 17.65 32.05 -1.36
CA PHE A 359 16.54 31.20 -0.97
C PHE A 359 15.27 31.84 -1.44
N SER A 360 15.38 32.73 -2.41
CA SER A 360 14.24 33.48 -2.85
C SER A 360 13.39 32.56 -3.67
N SER A 361 12.08 32.73 -3.57
CA SER A 361 11.22 31.91 -4.38
C SER A 361 11.39 32.23 -5.86
N LYS A 362 11.59 33.49 -6.21
CA LYS A 362 11.86 33.80 -7.62
C LYS A 362 13.04 32.98 -8.17
N LYS A 363 14.15 32.92 -7.46
CA LYS A 363 15.29 32.17 -7.96
C LYS A 363 14.96 30.66 -8.14
N ILE A 364 14.54 30.02 -7.05
CA ILE A 364 14.37 28.55 -6.93
C ILE A 364 13.27 28.12 -7.88
N VAL A 365 12.17 28.86 -7.89
CA VAL A 365 11.07 28.49 -8.77
C VAL A 365 11.56 28.47 -10.24
N SER A 366 12.43 29.42 -10.62
N SER A 366 12.41 29.43 -10.62
CA SER A 366 12.98 29.45 -11.98
CA SER A 366 12.97 29.45 -11.97
C SER A 366 13.93 28.28 -12.20
C SER A 366 13.92 28.27 -12.20
N GLN A 367 14.61 27.84 -11.15
CA GLN A 367 15.44 26.63 -11.25
C GLN A 367 14.64 25.36 -11.57
N TYR A 368 13.52 25.19 -10.89
CA TYR A 368 12.67 24.03 -11.12
C TYR A 368 12.08 24.14 -12.57
N GLU A 369 11.71 25.36 -12.95
CA GLU A 369 11.24 25.60 -14.34
C GLU A 369 12.25 25.21 -15.41
N GLN A 370 13.52 25.53 -15.23
CA GLN A 370 14.49 25.13 -16.19
C GLN A 370 14.50 23.60 -16.37
N ILE A 371 14.27 22.87 -15.28
CA ILE A 371 14.21 21.43 -15.38
C ILE A 371 13.02 21.04 -16.24
N TYR A 372 11.88 21.59 -15.94
CA TYR A 372 10.72 21.23 -16.65
C TYR A 372 10.84 21.56 -18.14
N ALA A 373 11.51 22.68 -18.47
CA ALA A 373 11.76 23.13 -19.87
C ALA A 373 12.59 22.11 -20.63
N ASP A 374 13.75 21.77 -20.07
CA ASP A 374 14.57 20.70 -20.60
C ASP A 374 13.83 19.43 -20.99
N LEU A 375 12.88 18.98 -20.16
CA LEU A 375 12.25 17.71 -20.39
C LEU A 375 11.05 17.80 -21.34
N ALA A 376 10.30 18.89 -21.25
CA ALA A 376 9.02 18.97 -21.95
C ALA A 376 9.15 18.89 -23.49
N ARG B 4 13.98 -30.27 -16.85
CA ARG B 4 15.03 -29.57 -16.05
C ARG B 4 14.38 -28.96 -14.82
N LYS B 5 15.05 -29.08 -13.69
CA LYS B 5 14.54 -28.53 -12.46
C LYS B 5 14.68 -27.03 -12.58
N LEU B 6 13.68 -26.32 -12.11
CA LEU B 6 13.65 -24.89 -12.19
C LEU B 6 13.49 -24.37 -10.78
N LYS B 7 13.71 -23.09 -10.63
CA LYS B 7 13.58 -22.42 -9.36
C LYS B 7 12.45 -21.40 -9.56
N ILE B 8 11.31 -21.67 -8.95
CA ILE B 8 10.07 -20.89 -9.15
C ILE B 8 9.66 -20.14 -7.92
N GLY B 9 9.53 -18.83 -8.05
CA GLY B 9 8.99 -17.98 -7.05
C GLY B 9 7.47 -18.03 -7.20
N ILE B 10 6.77 -18.00 -6.08
CA ILE B 10 5.33 -17.98 -6.10
C ILE B 10 4.91 -16.88 -5.15
N THR B 11 4.17 -15.91 -5.64
CA THR B 11 3.81 -14.75 -4.81
C THR B 11 2.31 -14.61 -4.88
N CYS B 12 1.73 -14.53 -3.70
CA CYS B 12 0.29 -14.65 -3.50
C CYS B 12 0.00 -14.23 -2.08
N TYR B 13 -1.26 -13.99 -1.81
CA TYR B 13 -1.71 -13.90 -0.46
C TYR B 13 -1.71 -15.38 -0.09
N PRO B 14 -1.08 -15.63 1.05
CA PRO B 14 -0.79 -16.93 1.66
C PRO B 14 -1.95 -17.89 1.63
N SER B 15 -3.08 -17.51 2.22
CA SER B 15 -4.28 -18.25 1.96
C SER B 15 -5.54 -17.54 2.32
N VAL B 16 -6.20 -17.09 1.27
CA VAL B 16 -7.48 -16.51 1.35
C VAL B 16 -8.43 -17.39 0.56
N GLY B 17 -8.72 -18.54 1.14
CA GLY B 17 -9.62 -19.54 0.56
C GLY B 17 -9.00 -20.19 -0.67
N GLY B 18 -9.81 -20.32 -1.71
CA GLY B 18 -9.41 -20.89 -2.99
C GLY B 18 -8.00 -20.62 -3.46
N SER B 19 -7.69 -19.38 -3.84
CA SER B 19 -6.46 -19.09 -4.58
C SER B 19 -5.25 -19.43 -3.73
N GLY B 20 -5.34 -19.19 -2.45
CA GLY B 20 -4.25 -19.57 -1.53
C GLY B 20 -4.04 -21.05 -1.45
N ILE B 21 -5.12 -21.79 -1.27
CA ILE B 21 -5.03 -23.25 -1.34
C ILE B 21 -4.41 -23.66 -2.70
N ILE B 22 -4.80 -23.01 -3.78
CA ILE B 22 -4.36 -23.48 -5.08
C ILE B 22 -2.86 -23.23 -5.24
N ALA B 23 -2.48 -22.03 -4.88
CA ALA B 23 -1.08 -21.63 -5.03
C ALA B 23 -0.15 -22.46 -4.20
N THR B 24 -0.53 -22.71 -2.96
CA THR B 24 0.29 -23.56 -2.06
C THR B 24 0.38 -25.04 -2.51
N GLU B 25 -0.75 -25.64 -2.87
CA GLU B 25 -0.78 -27.01 -3.44
C GLU B 25 0.01 -27.08 -4.74
N LEU B 26 -0.04 -26.02 -5.56
CA LEU B 26 0.70 -26.05 -6.82
C LEU B 26 2.16 -26.10 -6.49
N GLY B 27 2.61 -25.24 -5.57
CA GLY B 27 4.02 -25.30 -5.07
C GLY B 27 4.52 -26.66 -4.53
N LYS B 28 3.70 -27.33 -3.74
CA LYS B 28 4.03 -28.62 -3.19
C LYS B 28 4.18 -29.59 -4.31
N GLN B 29 3.19 -29.62 -5.20
CA GLN B 29 3.20 -30.60 -6.29
C GLN B 29 4.43 -30.40 -7.13
N LEU B 30 4.76 -29.17 -7.46
CA LEU B 30 5.96 -28.88 -8.25
C LEU B 30 7.23 -29.36 -7.54
N ALA B 31 7.28 -29.07 -6.25
CA ALA B 31 8.36 -29.59 -5.37
C ALA B 31 8.60 -31.13 -5.49
N GLU B 32 7.52 -31.89 -5.48
CA GLU B 32 7.53 -33.37 -5.64
C GLU B 32 8.06 -33.82 -7.02
N LYS B 33 8.06 -32.94 -8.00
CA LYS B 33 8.58 -33.25 -9.34
C LYS B 33 10.00 -32.75 -9.48
N GLY B 34 10.54 -32.26 -8.36
CA GLY B 34 11.93 -31.87 -8.29
C GLY B 34 12.19 -30.38 -8.46
N HIS B 35 11.17 -29.52 -8.46
CA HIS B 35 11.48 -28.09 -8.63
C HIS B 35 11.70 -27.47 -7.31
N GLU B 36 12.39 -26.35 -7.34
CA GLU B 36 12.75 -25.64 -6.13
C GLU B 36 11.84 -24.44 -6.01
N ILE B 37 10.99 -24.42 -5.00
CA ILE B 37 9.89 -23.49 -4.88
C ILE B 37 10.14 -22.51 -3.77
N HIS B 38 10.03 -21.23 -4.06
CA HIS B 38 10.21 -20.19 -3.08
C HIS B 38 8.93 -19.39 -2.96
N PHE B 39 8.17 -19.58 -1.88
CA PHE B 39 7.03 -18.70 -1.59
C PHE B 39 7.47 -17.36 -1.07
N ILE B 40 6.95 -16.25 -1.63
CA ILE B 40 7.26 -14.89 -1.24
C ILE B 40 5.95 -14.17 -0.87
N THR B 41 5.64 -14.20 0.42
CA THR B 41 4.36 -13.82 0.99
C THR B 41 4.50 -13.25 2.40
N SER B 42 3.42 -13.31 3.17
CA SER B 42 3.39 -12.75 4.53
C SER B 42 3.35 -13.78 5.66
N SER B 43 2.60 -14.84 5.46
CA SER B 43 2.62 -16.00 6.36
C SER B 43 2.59 -15.61 7.81
N TYR B 51 6.84 -29.45 5.80
CA TYR B 51 7.19 -29.10 4.43
C TYR B 51 8.52 -29.72 3.92
N HIS B 52 8.64 -29.70 2.61
CA HIS B 52 9.57 -30.42 1.78
C HIS B 52 10.96 -29.78 1.71
N PRO B 53 12.01 -30.56 1.46
CA PRO B 53 13.35 -29.95 1.30
C PRO B 53 13.44 -28.78 0.30
N ASN B 54 12.91 -29.02 -0.90
CA ASN B 54 12.72 -28.07 -1.99
C ASN B 54 11.74 -26.90 -1.82
N ILE B 55 10.99 -26.83 -0.73
CA ILE B 55 10.07 -25.68 -0.54
C ILE B 55 10.61 -24.69 0.48
N HIS B 56 10.79 -23.44 0.06
CA HIS B 56 11.30 -22.40 0.92
C HIS B 56 10.28 -21.27 1.05
N PHE B 57 10.36 -20.56 2.18
CA PHE B 57 9.46 -19.47 2.48
C PHE B 57 10.22 -18.22 2.78
N HIS B 58 9.77 -17.12 2.20
CA HIS B 58 10.36 -15.82 2.38
C HIS B 58 9.27 -14.90 2.71
N GLU B 59 9.55 -14.10 3.71
CA GLU B 59 8.53 -13.31 4.29
C GLU B 59 8.61 -11.86 3.94
N VAL B 60 7.51 -11.37 3.39
CA VAL B 60 7.30 -9.96 3.23
C VAL B 60 6.93 -9.36 4.56
N GLU B 61 7.80 -8.59 5.18
CA GLU B 61 7.39 -7.92 6.42
C GLU B 61 7.41 -6.44 6.19
N VAL B 62 6.30 -5.80 6.50
CA VAL B 62 6.19 -4.36 6.38
C VAL B 62 6.75 -3.67 7.63
N ASN B 63 7.65 -2.71 7.40
CA ASN B 63 8.35 -2.00 8.46
C ASN B 63 8.01 -0.54 8.43
N GLN B 64 6.77 -0.21 8.77
CA GLN B 64 6.38 1.20 8.80
C GLN B 64 6.63 1.88 10.19
N TYR B 65 7.70 2.68 10.29
CA TYR B 65 8.04 3.40 11.53
C TYR B 65 7.84 4.92 11.41
N ALA B 66 7.60 5.38 10.19
CA ALA B 66 7.63 6.78 9.89
C ALA B 66 7.49 6.87 8.38
N VAL B 67 7.27 8.09 7.96
CA VAL B 67 7.26 8.52 6.62
C VAL B 67 6.08 8.06 5.82
N PHE B 68 5.91 6.75 5.68
CA PHE B 68 4.82 6.24 4.90
C PHE B 68 3.45 6.49 5.50
N LYS B 69 2.52 7.06 4.73
CA LYS B 69 1.17 7.27 5.27
C LYS B 69 0.42 5.97 5.39
N TYR B 70 0.62 5.04 4.46
CA TYR B 70 0.09 3.69 4.55
C TYR B 70 1.24 2.72 4.50
N PRO B 71 1.08 1.54 5.10
CA PRO B 71 2.06 0.49 5.07
C PRO B 71 2.43 0.07 3.65
N PRO B 72 3.72 0.19 3.27
CA PRO B 72 4.07 0.03 1.83
C PRO B 72 4.24 -1.47 1.47
N TYR B 73 3.14 -2.22 1.53
CA TYR B 73 3.22 -3.64 1.31
C TYR B 73 3.53 -3.89 -0.16
N ASP B 74 2.96 -3.16 -1.07
CA ASP B 74 3.20 -3.45 -2.54
C ASP B 74 4.68 -3.22 -2.88
N LEU B 75 5.18 -2.06 -2.47
CA LEU B 75 6.62 -1.70 -2.64
C LEU B 75 7.54 -2.65 -1.92
N THR B 76 7.16 -3.05 -0.72
CA THR B 76 7.92 -4.02 0.03
C THR B 76 7.93 -5.39 -0.62
N LEU B 77 6.79 -5.81 -1.12
CA LEU B 77 6.70 -7.07 -1.78
C LEU B 77 7.60 -7.09 -3.03
N ALA B 78 7.61 -6.02 -3.79
CA ALA B 78 8.36 -5.96 -5.02
C ALA B 78 9.84 -6.02 -4.72
N SER B 79 10.24 -5.28 -3.74
CA SER B 79 11.61 -5.28 -3.24
C SER B 79 12.02 -6.69 -2.81
N LYS B 80 11.17 -7.38 -2.06
CA LYS B 80 11.46 -8.76 -1.64
C LYS B 80 11.50 -9.76 -2.77
N ILE B 81 10.56 -9.69 -3.72
CA ILE B 81 10.65 -10.53 -4.91
C ILE B 81 12.03 -10.32 -5.61
N ALA B 82 12.43 -9.08 -5.78
CA ALA B 82 13.69 -8.84 -6.48
C ALA B 82 14.86 -9.38 -5.65
N GLU B 83 14.82 -9.20 -4.33
CA GLU B 83 15.89 -9.73 -3.45
C GLU B 83 16.00 -11.23 -3.56
N VAL B 84 14.88 -11.90 -3.49
CA VAL B 84 14.88 -13.35 -3.48
C VAL B 84 15.20 -13.86 -4.86
N ALA B 85 14.72 -13.15 -5.87
CA ALA B 85 14.98 -13.54 -7.24
C ALA B 85 16.46 -13.55 -7.56
N GLU B 86 17.19 -12.59 -7.02
CA GLU B 86 18.63 -12.44 -7.30
C GLU B 86 19.41 -13.43 -6.45
N ARG B 87 19.11 -13.46 -5.16
CA ARG B 87 19.83 -14.34 -4.26
C ARG B 87 19.62 -15.81 -4.57
N GLU B 88 18.44 -16.22 -5.06
CA GLU B 88 18.18 -17.63 -5.23
C GLU B 88 18.22 -18.00 -6.69
N ASN B 89 18.52 -17.05 -7.57
CA ASN B 89 18.56 -17.31 -9.01
C ASN B 89 17.29 -17.84 -9.63
N LEU B 90 16.16 -17.27 -9.25
CA LEU B 90 14.88 -17.74 -9.75
C LEU B 90 14.72 -17.63 -11.26
N ASP B 91 14.20 -18.69 -11.84
CA ASP B 91 13.84 -18.71 -13.23
C ASP B 91 12.50 -18.01 -13.45
N ILE B 92 11.57 -18.14 -12.50
CA ILE B 92 10.17 -17.76 -12.72
C ILE B 92 9.66 -17.08 -11.45
N ILE B 93 8.87 -16.03 -11.60
CA ILE B 93 8.00 -15.59 -10.54
C ILE B 93 6.55 -15.77 -11.05
N HIS B 94 5.78 -16.54 -10.33
CA HIS B 94 4.35 -16.79 -10.65
C HIS B 94 3.52 -16.02 -9.65
N ALA B 95 2.91 -14.96 -10.12
CA ALA B 95 1.99 -14.19 -9.34
C ALA B 95 0.58 -14.69 -9.48
N HIS B 96 -0.11 -14.66 -8.36
CA HIS B 96 -1.54 -14.94 -8.26
C HIS B 96 -2.28 -13.67 -7.91
N TYR B 97 -3.22 -13.31 -8.79
CA TYR B 97 -3.77 -11.97 -8.93
C TYR B 97 -2.90 -11.00 -9.78
N ALA B 98 -3.58 -10.24 -10.61
CA ALA B 98 -2.98 -9.05 -11.30
C ALA B 98 -2.61 -7.98 -10.31
N LEU B 99 -3.55 -7.70 -9.41
CA LEU B 99 -3.33 -6.71 -8.39
C LEU B 99 -3.40 -7.34 -7.02
N PRO B 100 -2.35 -7.14 -6.20
CA PRO B 100 -1.10 -6.38 -6.56
C PRO B 100 0.02 -7.22 -7.16
N HIS B 101 -0.10 -8.52 -7.12
CA HIS B 101 1.03 -9.41 -7.27
C HIS B 101 1.74 -9.30 -8.62
N ALA B 102 1.02 -9.17 -9.73
CA ALA B 102 1.70 -9.14 -11.05
C ALA B 102 2.44 -7.83 -11.21
N VAL B 103 1.89 -6.77 -10.65
CA VAL B 103 2.50 -5.47 -10.71
C VAL B 103 3.78 -5.48 -9.88
N CYS B 104 3.71 -6.07 -8.69
CA CYS B 104 4.92 -6.22 -7.85
C CYS B 104 5.99 -7.06 -8.54
N ALA B 105 5.58 -8.16 -9.18
CA ALA B 105 6.50 -8.99 -9.99
C ALA B 105 7.15 -8.14 -11.10
N TYR B 106 6.35 -7.35 -11.79
CA TYR B 106 6.85 -6.48 -12.81
C TYR B 106 7.94 -5.56 -12.26
N LEU B 107 7.64 -4.87 -11.17
CA LEU B 107 8.60 -3.93 -10.60
C LEU B 107 9.86 -4.64 -10.22
N ALA B 108 9.72 -5.84 -9.70
CA ALA B 108 10.85 -6.63 -9.33
C ALA B 108 11.73 -6.97 -10.53
N LYS B 109 11.13 -7.39 -11.63
CA LYS B 109 11.85 -7.66 -12.89
C LYS B 109 12.61 -6.45 -13.32
N GLN B 110 11.98 -5.28 -13.28
CA GLN B 110 12.67 -4.06 -13.66
C GLN B 110 13.89 -3.77 -12.79
N MET B 111 13.79 -4.08 -11.49
CA MET B 111 14.92 -3.83 -10.56
C MET B 111 16.04 -4.81 -10.76
N LEU B 112 15.69 -6.06 -11.02
CA LEU B 112 16.69 -7.09 -11.29
C LEU B 112 17.54 -6.83 -12.55
N LYS B 113 16.95 -6.25 -13.58
CA LYS B 113 17.64 -6.00 -14.87
C LYS B 113 18.11 -7.32 -15.56
N ARG B 114 17.40 -8.42 -15.29
CA ARG B 114 17.49 -9.63 -16.09
C ARG B 114 16.09 -10.10 -16.43
N ASN B 115 16.01 -11.10 -17.31
CA ASN B 115 14.77 -11.42 -17.97
C ASN B 115 14.10 -12.59 -17.30
N ILE B 116 13.83 -12.46 -16.00
CA ILE B 116 13.04 -13.48 -15.29
C ILE B 116 11.64 -13.59 -15.96
N GLY B 117 11.09 -14.79 -16.08
CA GLY B 117 9.75 -15.01 -16.61
C GLY B 117 8.64 -14.74 -15.58
N ILE B 118 7.65 -13.99 -15.98
CA ILE B 118 6.58 -13.67 -15.09
C ILE B 118 5.37 -14.40 -15.58
N VAL B 119 4.82 -15.23 -14.71
CA VAL B 119 3.58 -15.92 -15.01
C VAL B 119 2.53 -15.33 -14.08
N THR B 120 1.33 -15.00 -14.61
CA THR B 120 0.26 -14.38 -13.79
C THR B 120 -1.00 -15.20 -13.91
N THR B 121 -1.58 -15.57 -12.77
CA THR B 121 -2.83 -16.30 -12.71
C THR B 121 -3.89 -15.41 -12.16
N LEU B 122 -4.92 -15.24 -12.98
CA LEU B 122 -6.12 -14.48 -12.64
C LEU B 122 -7.14 -15.42 -11.98
N HIS B 123 -7.62 -15.03 -10.79
CA HIS B 123 -8.61 -15.79 -10.05
C HIS B 123 -9.98 -15.17 -9.96
N GLY B 124 -10.09 -13.94 -10.39
CA GLY B 124 -11.31 -13.23 -10.47
C GLY B 124 -11.36 -12.01 -9.62
N THR B 125 -10.36 -11.83 -8.72
CA THR B 125 -10.41 -10.76 -7.81
C THR B 125 -10.17 -9.45 -8.49
N ASP B 126 -9.55 -9.45 -9.67
CA ASP B 126 -9.29 -8.20 -10.33
C ASP B 126 -10.62 -7.65 -10.88
N ILE B 127 -11.54 -8.55 -11.30
CA ILE B 127 -12.87 -8.10 -11.71
C ILE B 127 -13.59 -7.49 -10.50
N THR B 128 -13.52 -8.14 -9.36
CA THR B 128 -14.17 -7.63 -8.14
C THR B 128 -13.71 -6.21 -7.81
N VAL B 129 -12.39 -6.03 -7.76
CA VAL B 129 -11.75 -4.77 -7.41
C VAL B 129 -12.20 -3.73 -8.39
N LEU B 130 -12.30 -4.14 -9.64
CA LEU B 130 -12.69 -3.19 -10.64
C LEU B 130 -14.13 -2.73 -10.49
N GLY B 131 -15.02 -3.59 -10.08
CA GLY B 131 -16.41 -3.19 -9.83
C GLY B 131 -16.55 -2.15 -8.72
N TYR B 132 -15.62 -2.14 -7.76
CA TYR B 132 -15.61 -1.07 -6.72
C TYR B 132 -14.87 0.17 -7.16
N ASP B 133 -13.83 -0.02 -7.97
CA ASP B 133 -13.10 1.10 -8.50
C ASP B 133 -12.76 0.90 -9.97
N PRO B 134 -13.70 1.27 -10.86
CA PRO B 134 -13.49 1.16 -12.31
C PRO B 134 -12.28 1.90 -12.81
N SER B 135 -11.77 2.86 -12.06
CA SER B 135 -10.62 3.58 -12.56
C SER B 135 -9.33 2.78 -12.52
N LEU B 136 -9.32 1.59 -11.92
CA LEU B 136 -8.13 0.73 -11.95
C LEU B 136 -7.96 -0.04 -13.27
N LYS B 137 -8.81 0.22 -14.26
CA LYS B 137 -8.86 -0.71 -15.41
C LYS B 137 -7.45 -0.76 -16.08
N ASP B 138 -6.90 0.41 -16.29
CA ASP B 138 -5.68 0.47 -17.08
C ASP B 138 -4.49 -0.11 -16.35
N LEU B 139 -4.51 0.02 -15.04
CA LEU B 139 -3.46 -0.62 -14.21
C LEU B 139 -3.54 -2.13 -14.28
N ILE B 140 -4.75 -2.65 -14.32
CA ILE B 140 -4.91 -4.07 -14.42
C ILE B 140 -4.50 -4.54 -15.80
N ARG B 141 -4.88 -3.79 -16.81
CA ARG B 141 -4.41 -4.10 -18.15
C ARG B 141 -2.86 -4.10 -18.24
N PHE B 142 -2.27 -3.07 -17.66
CA PHE B 142 -0.83 -3.00 -17.57
C PHE B 142 -0.25 -4.22 -16.94
N ALA B 143 -0.79 -4.64 -15.78
CA ALA B 143 -0.32 -5.81 -15.05
C ALA B 143 -0.33 -7.05 -15.92
N ILE B 144 -1.40 -7.21 -16.70
CA ILE B 144 -1.55 -8.36 -17.53
C ILE B 144 -0.57 -8.24 -18.64
N GLU B 145 -0.48 -7.07 -19.27
CA GLU B 145 0.32 -6.96 -20.49
C GLU B 145 1.81 -7.06 -20.15
N SER B 146 2.18 -6.67 -18.91
CA SER B 146 3.59 -6.81 -18.48
C SER B 146 3.97 -8.18 -18.01
N SER B 147 3.06 -9.15 -18.02
CA SER B 147 3.39 -10.52 -17.61
C SER B 147 3.79 -11.25 -18.91
N ASP B 148 4.63 -12.28 -18.85
CA ASP B 148 5.02 -13.00 -20.03
C ASP B 148 3.93 -13.97 -20.39
N ARG B 149 3.37 -14.70 -19.44
CA ARG B 149 2.24 -15.55 -19.74
C ARG B 149 1.16 -15.33 -18.69
N VAL B 150 -0.10 -15.39 -19.11
CA VAL B 150 -1.25 -15.11 -18.19
C VAL B 150 -2.21 -16.25 -18.34
N THR B 151 -2.66 -16.79 -17.20
CA THR B 151 -3.67 -17.84 -17.15
C THR B 151 -4.89 -17.34 -16.40
N ALA B 152 -6.03 -17.97 -16.67
CA ALA B 152 -7.26 -17.74 -15.88
C ALA B 152 -7.88 -19.06 -15.50
N VAL B 153 -8.49 -19.06 -14.32
CA VAL B 153 -9.02 -20.26 -13.75
C VAL B 153 -10.27 -20.75 -14.48
N SER B 154 -10.88 -19.91 -15.31
CA SER B 154 -11.92 -20.41 -16.22
C SER B 154 -11.96 -19.62 -17.52
N SER B 155 -12.51 -20.21 -18.58
CA SER B 155 -12.68 -19.42 -19.80
C SER B 155 -13.64 -18.27 -19.64
N ALA B 156 -14.65 -18.40 -18.75
CA ALA B 156 -15.57 -17.31 -18.56
C ALA B 156 -14.83 -16.12 -17.96
N LEU B 157 -13.94 -16.38 -17.02
CA LEU B 157 -13.19 -15.27 -16.41
C LEU B 157 -12.32 -14.61 -17.47
N ALA B 158 -11.69 -15.44 -18.31
CA ALA B 158 -10.82 -14.89 -19.35
C ALA B 158 -11.67 -14.00 -20.20
N ALA B 159 -12.91 -14.40 -20.47
CA ALA B 159 -13.78 -13.57 -21.41
C ALA B 159 -14.21 -12.29 -20.76
N GLU B 160 -14.47 -12.34 -19.44
CA GLU B 160 -14.85 -11.17 -18.72
C GLU B 160 -13.67 -10.17 -18.60
N THR B 161 -12.47 -10.70 -18.53
CA THR B 161 -11.29 -9.83 -18.48
C THR B 161 -11.13 -9.16 -19.83
N TYR B 162 -11.26 -9.92 -20.90
CA TYR B 162 -11.24 -9.31 -22.25
C TYR B 162 -12.26 -8.22 -22.45
N ASP B 163 -13.47 -8.43 -21.91
CA ASP B 163 -14.56 -7.43 -21.99
C ASP B 163 -14.25 -6.17 -21.17
N LEU B 164 -13.78 -6.33 -19.95
CA LEU B 164 -13.71 -5.21 -19.02
C LEU B 164 -12.34 -4.58 -18.99
N ILE B 165 -11.31 -5.37 -19.23
CA ILE B 165 -9.94 -4.93 -19.19
C ILE B 165 -9.33 -4.75 -20.59
N LYS B 166 -9.69 -5.60 -21.53
CA LYS B 166 -9.25 -5.48 -22.89
C LYS B 166 -7.72 -5.44 -23.11
N PRO B 167 -6.98 -6.34 -22.48
CA PRO B 167 -5.53 -6.26 -22.64
C PRO B 167 -5.06 -6.90 -23.92
N GLU B 168 -3.93 -6.40 -24.40
CA GLU B 168 -3.23 -7.06 -25.46
C GLU B 168 -2.37 -8.24 -24.94
N LYS B 169 -2.98 -9.39 -24.73
CA LYS B 169 -2.34 -10.50 -24.06
C LYS B 169 -3.21 -11.70 -24.25
N LYS B 170 -2.65 -12.86 -24.59
CA LYS B 170 -3.43 -14.09 -24.59
C LYS B 170 -3.67 -14.55 -23.12
N ILE B 171 -4.90 -14.83 -22.73
CA ILE B 171 -5.19 -15.35 -21.39
C ILE B 171 -5.55 -16.82 -21.54
N GLU B 172 -4.73 -17.70 -21.00
CA GLU B 172 -4.87 -19.12 -21.18
C GLU B 172 -5.68 -19.68 -20.05
N THR B 173 -6.64 -20.55 -20.37
CA THR B 173 -7.46 -21.15 -19.31
C THR B 173 -6.72 -22.29 -18.71
N ILE B 174 -6.49 -22.27 -17.38
CA ILE B 174 -6.02 -23.44 -16.64
C ILE B 174 -6.86 -23.52 -15.40
N TYR B 175 -7.59 -24.60 -15.28
CA TYR B 175 -8.56 -24.76 -14.21
C TYR B 175 -7.86 -25.00 -12.89
N ASN B 176 -8.62 -24.82 -11.85
CA ASN B 176 -8.32 -25.32 -10.56
C ASN B 176 -8.42 -26.85 -10.42
N PHE B 177 -7.86 -27.34 -9.32
CA PHE B 177 -7.77 -28.74 -9.00
C PHE B 177 -7.81 -28.94 -7.49
N ILE B 178 -7.94 -30.15 -7.01
CA ILE B 178 -7.90 -30.41 -5.57
C ILE B 178 -6.87 -31.45 -5.20
N ASP B 179 -6.38 -31.39 -3.98
CA ASP B 179 -5.52 -32.44 -3.44
C ASP B 179 -6.19 -33.81 -3.46
N LYS B 186 -14.96 -41.48 4.63
CA LYS B 186 -14.61 -42.65 5.46
C LYS B 186 -15.70 -42.92 6.52
N ASN B 187 -15.46 -42.64 7.81
CA ASN B 187 -16.54 -42.86 8.80
C ASN B 187 -17.55 -41.73 8.88
N THR B 188 -18.48 -41.68 7.92
CA THR B 188 -19.55 -40.68 7.94
C THR B 188 -20.51 -40.87 9.14
N ALA B 189 -20.60 -42.10 9.64
CA ALA B 189 -21.49 -42.37 10.80
C ALA B 189 -21.02 -41.52 11.97
N ALA B 190 -19.74 -41.66 12.32
CA ALA B 190 -19.15 -40.87 13.37
C ALA B 190 -19.31 -39.37 13.18
N ILE B 191 -19.23 -38.90 11.95
CA ILE B 191 -19.26 -37.49 11.76
C ILE B 191 -20.68 -37.01 11.98
N LYS B 192 -21.65 -37.77 11.49
CA LYS B 192 -23.04 -37.40 11.69
C LYS B 192 -23.39 -37.43 13.18
N GLU B 193 -22.81 -38.39 13.88
CA GLU B 193 -23.04 -38.55 15.30
C GLU B 193 -22.51 -37.31 15.98
N LYS B 194 -21.29 -36.91 15.63
CA LYS B 194 -20.70 -35.73 16.24
C LYS B 194 -21.59 -34.53 16.03
N HIS B 195 -21.95 -34.24 14.80
CA HIS B 195 -22.81 -33.10 14.57
C HIS B 195 -24.25 -33.35 14.87
N GLY B 196 -24.51 -34.42 15.59
CA GLY B 196 -25.86 -34.75 15.96
C GLY B 196 -26.78 -34.88 14.79
N ILE B 197 -26.30 -35.48 13.71
CA ILE B 197 -27.13 -35.71 12.57
C ILE B 197 -27.67 -37.11 12.63
N LEU B 198 -28.95 -37.28 12.35
CA LEU B 198 -29.55 -38.59 12.42
C LEU B 198 -29.54 -39.33 11.10
N PRO B 199 -29.34 -40.63 11.18
CA PRO B 199 -29.21 -41.42 9.97
C PRO B 199 -30.41 -41.16 9.07
N ASP B 200 -31.49 -40.71 9.69
CA ASP B 200 -32.75 -40.31 9.06
C ASP B 200 -32.69 -39.07 8.10
N GLU B 201 -31.73 -38.18 8.33
CA GLU B 201 -31.80 -36.82 7.79
C GLU B 201 -30.99 -36.60 6.52
N LYS B 202 -31.58 -35.88 5.58
CA LYS B 202 -30.87 -35.41 4.39
C LYS B 202 -29.90 -34.33 4.82
N VAL B 203 -28.80 -34.21 4.10
CA VAL B 203 -27.81 -33.21 4.46
C VAL B 203 -27.51 -32.31 3.25
N VAL B 204 -27.79 -31.02 3.39
CA VAL B 204 -27.47 -30.02 2.39
C VAL B 204 -26.25 -29.27 2.88
N ILE B 205 -25.25 -29.04 1.99
CA ILE B 205 -24.08 -28.20 2.37
C ILE B 205 -23.85 -26.97 1.48
N HIS B 206 -23.29 -25.94 2.11
CA HIS B 206 -22.86 -24.70 1.48
C HIS B 206 -21.61 -24.19 2.20
N VAL B 207 -20.55 -23.97 1.43
CA VAL B 207 -19.24 -23.55 1.93
C VAL B 207 -18.87 -22.30 1.14
N SER B 208 -18.73 -21.18 1.85
CA SER B 208 -18.32 -19.92 1.25
C SER B 208 -17.75 -18.93 2.27
N ASN B 209 -17.36 -17.75 1.75
CA ASN B 209 -16.86 -16.63 2.50
C ASN B 209 -18.03 -15.64 2.84
N PHE B 210 -19.28 -16.04 2.66
CA PHE B 210 -20.43 -15.24 3.09
C PHE B 210 -20.36 -13.79 2.67
N ARG B 211 -20.02 -13.57 1.41
CA ARG B 211 -19.99 -12.25 0.93
C ARG B 211 -21.24 -12.15 0.16
N LYS B 212 -21.59 -10.94 -0.21
CA LYS B 212 -22.91 -10.70 -0.79
C LYS B 212 -23.12 -11.51 -2.05
N VAL B 213 -22.07 -11.57 -2.87
CA VAL B 213 -22.16 -12.24 -4.19
C VAL B 213 -22.43 -13.73 -4.12
N LYS B 214 -22.15 -14.34 -2.96
CA LYS B 214 -22.45 -15.75 -2.69
C LYS B 214 -24.01 -16.01 -2.55
N ARG B 215 -24.77 -14.95 -2.35
CA ARG B 215 -26.23 -15.01 -2.18
C ARG B 215 -26.71 -16.07 -1.17
N VAL B 216 -26.12 -16.07 0.01
CA VAL B 216 -26.49 -17.05 1.04
C VAL B 216 -28.01 -17.04 1.33
N GLN B 217 -28.67 -15.89 1.18
CA GLN B 217 -30.11 -15.78 1.39
C GLN B 217 -30.89 -16.71 0.46
N ASP B 218 -30.41 -16.84 -0.77
CA ASP B 218 -30.93 -17.80 -1.72
C ASP B 218 -30.67 -19.24 -1.28
N VAL B 219 -29.54 -19.51 -0.64
CA VAL B 219 -29.29 -20.86 -0.10
C VAL B 219 -30.30 -21.13 1.01
N ILE B 220 -30.61 -20.15 1.86
CA ILE B 220 -31.52 -20.43 2.96
C ILE B 220 -33.00 -20.58 2.52
N ARG B 221 -33.48 -19.71 1.64
CA ARG B 221 -34.80 -19.88 1.04
C ARG B 221 -34.93 -21.20 0.28
N VAL B 222 -33.87 -21.65 -0.38
CA VAL B 222 -33.87 -22.98 -0.98
C VAL B 222 -33.97 -24.05 0.10
N PHE B 223 -33.16 -23.94 1.12
CA PHE B 223 -33.18 -24.95 2.13
C PHE B 223 -34.51 -24.97 2.85
N ARG B 224 -35.08 -23.81 3.08
CA ARG B 224 -36.28 -23.74 3.85
C ARG B 224 -37.37 -24.46 3.15
N ASN B 225 -37.39 -24.34 1.83
CA ASN B 225 -38.33 -25.03 1.01
C ASN B 225 -38.12 -26.51 1.06
N ILE B 226 -36.90 -26.88 1.35
CA ILE B 226 -36.48 -28.26 1.37
C ILE B 226 -36.93 -28.89 2.66
N ALA B 227 -36.68 -28.22 3.75
CA ALA B 227 -36.88 -28.82 5.03
C ALA B 227 -38.33 -28.75 5.48
N GLY B 228 -39.16 -28.09 4.69
CA GLY B 228 -40.60 -28.16 4.87
C GLY B 228 -41.13 -29.33 4.06
N LYS B 229 -40.22 -30.12 3.49
CA LYS B 229 -40.57 -31.20 2.57
C LYS B 229 -39.97 -32.52 2.93
N THR B 230 -38.92 -32.54 3.71
CA THR B 230 -38.24 -33.79 4.04
C THR B 230 -37.36 -33.52 5.21
N LYS B 231 -36.98 -34.57 5.93
CA LYS B 231 -36.18 -34.39 7.11
C LYS B 231 -34.74 -34.01 6.69
N ALA B 232 -34.35 -32.76 6.97
CA ALA B 232 -33.14 -32.16 6.39
C ALA B 232 -32.37 -31.24 7.37
N LYS B 233 -31.06 -31.28 7.26
CA LYS B 233 -30.16 -30.37 7.92
C LYS B 233 -29.29 -29.62 6.89
N LEU B 234 -29.00 -28.37 7.18
CA LEU B 234 -28.17 -27.52 6.34
C LEU B 234 -26.89 -27.36 7.09
N LEU B 235 -25.77 -27.57 6.42
CA LEU B 235 -24.46 -27.27 6.98
C LEU B 235 -24.05 -25.96 6.30
N LEU B 236 -23.95 -24.88 7.08
CA LEU B 236 -23.45 -23.59 6.57
C LEU B 236 -22.02 -23.49 7.02
N VAL B 237 -21.07 -23.46 6.08
CA VAL B 237 -19.66 -23.55 6.44
C VAL B 237 -18.93 -22.32 5.88
N GLY B 238 -18.15 -21.68 6.75
CA GLY B 238 -17.53 -20.41 6.47
C GLY B 238 -17.99 -19.27 7.40
N ASP B 239 -17.43 -18.09 7.14
CA ASP B 239 -17.54 -16.90 7.96
C ASP B 239 -17.37 -15.74 6.96
N GLY B 240 -17.98 -14.60 7.27
CA GLY B 240 -17.86 -13.43 6.44
C GLY B 240 -19.00 -12.48 6.73
N PRO B 241 -19.09 -11.39 5.98
CA PRO B 241 -19.93 -10.26 6.37
C PRO B 241 -21.45 -10.50 6.41
N GLU B 242 -21.97 -11.32 5.51
CA GLU B 242 -23.39 -11.65 5.46
C GLU B 242 -23.80 -12.81 6.39
N LYS B 243 -22.94 -13.18 7.33
CA LYS B 243 -23.32 -14.23 8.26
C LYS B 243 -24.52 -13.83 9.19
N SER B 244 -24.49 -12.62 9.74
CA SER B 244 -25.60 -12.15 10.55
C SER B 244 -26.85 -12.03 9.68
N THR B 245 -26.70 -11.73 8.40
CA THR B 245 -27.84 -11.72 7.48
C THR B 245 -28.43 -13.12 7.45
N ALA B 246 -27.55 -14.11 7.52
CA ALA B 246 -27.93 -15.53 7.38
C ALA B 246 -28.81 -15.99 8.57
N CYS B 247 -28.22 -16.00 9.76
CA CYS B 247 -28.92 -16.21 11.03
C CYS B 247 -30.31 -15.60 11.05
N GLU B 248 -30.38 -14.32 10.75
CA GLU B 248 -31.66 -13.64 10.74
C GLU B 248 -32.68 -14.32 9.82
N LEU B 249 -32.26 -14.66 8.59
CA LEU B 249 -33.16 -15.31 7.67
C LEU B 249 -33.54 -16.69 8.27
N ILE B 250 -32.58 -17.37 8.90
CA ILE B 250 -32.80 -18.66 9.56
C ILE B 250 -33.84 -18.50 10.67
N ARG B 251 -33.72 -17.45 11.48
CA ARG B 251 -34.66 -17.29 12.59
C ARG B 251 -36.02 -16.84 12.08
N LYS B 252 -36.04 -15.89 11.15
CA LYS B 252 -37.29 -15.49 10.46
C LYS B 252 -38.11 -16.70 9.92
N TYR B 253 -37.40 -17.70 9.40
CA TYR B 253 -38.02 -18.90 8.85
C TYR B 253 -38.11 -20.04 9.88
N GLY B 254 -37.48 -19.85 11.01
CA GLY B 254 -37.57 -20.76 12.11
C GLY B 254 -36.93 -22.08 11.84
N LEU B 255 -35.72 -22.04 11.35
CA LEU B 255 -34.97 -23.23 11.04
C LEU B 255 -33.77 -23.38 11.91
N GLU B 256 -33.83 -22.85 13.11
CA GLU B 256 -32.68 -22.82 14.02
C GLU B 256 -32.11 -24.21 14.32
N ASP B 257 -32.98 -25.16 14.64
CA ASP B 257 -32.59 -26.54 14.95
C ASP B 257 -32.07 -27.34 13.72
N GLN B 258 -32.61 -27.04 12.53
CA GLN B 258 -32.23 -27.69 11.27
C GLN B 258 -31.03 -27.07 10.52
N VAL B 259 -30.29 -26.17 11.14
CA VAL B 259 -29.11 -25.54 10.52
C VAL B 259 -27.87 -25.56 11.41
N LEU B 260 -26.74 -26.03 10.89
CA LEU B 260 -25.49 -25.95 11.65
C LEU B 260 -24.58 -24.87 11.11
N MET B 261 -24.75 -23.67 11.62
CA MET B 261 -23.81 -22.57 11.46
C MET B 261 -22.61 -23.24 12.00
N LEU B 262 -21.61 -23.46 11.17
CA LEU B 262 -20.51 -24.29 11.59
C LEU B 262 -19.35 -23.37 11.64
N GLY B 263 -19.56 -22.11 11.25
CA GLY B 263 -18.47 -21.18 11.06
C GLY B 263 -17.41 -21.83 10.21
N ASN B 264 -16.22 -21.20 10.15
CA ASN B 264 -15.13 -21.75 9.35
C ASN B 264 -14.73 -23.07 9.98
N GLN B 265 -14.20 -23.98 9.18
CA GLN B 265 -13.90 -25.27 9.71
C GLN B 265 -12.55 -25.81 9.28
N ASP B 266 -12.03 -26.68 10.13
CA ASP B 266 -10.96 -27.62 9.75
C ASP B 266 -11.64 -28.93 9.28
N ARG B 267 -10.87 -29.81 8.64
CA ARG B 267 -11.41 -31.05 8.07
C ARG B 267 -12.80 -30.79 7.38
N VAL B 268 -12.81 -29.86 6.42
CA VAL B 268 -13.97 -29.65 5.55
C VAL B 268 -14.37 -30.95 4.76
N GLU B 269 -13.42 -31.85 4.53
CA GLU B 269 -13.78 -33.11 3.80
C GLU B 269 -14.80 -33.89 4.61
N ASP B 270 -14.66 -33.87 5.95
CA ASP B 270 -15.64 -34.53 6.82
C ASP B 270 -17.08 -34.07 6.59
N LEU B 271 -17.27 -32.78 6.33
CA LEU B 271 -18.58 -32.21 6.15
C LEU B 271 -19.14 -32.51 4.77
N TYR B 272 -18.27 -32.46 3.76
CA TYR B 272 -18.74 -32.81 2.41
C TYR B 272 -19.09 -34.32 2.41
N SER B 273 -18.26 -35.12 3.04
CA SER B 273 -18.50 -36.56 3.12
C SER B 273 -19.86 -36.93 3.66
N ILE B 274 -20.46 -36.13 4.56
CA ILE B 274 -21.77 -36.53 5.13
C ILE B 274 -22.89 -35.95 4.39
N SER B 275 -22.58 -35.14 3.38
CA SER B 275 -23.60 -34.35 2.75
C SER B 275 -24.20 -35.06 1.50
N ASP B 276 -25.46 -34.75 1.17
CA ASP B 276 -26.17 -35.30 0.01
C ASP B 276 -26.32 -34.31 -1.11
N LEU B 277 -26.09 -33.02 -0.83
CA LEU B 277 -26.31 -31.95 -1.79
C LEU B 277 -25.48 -30.71 -1.43
N LYS B 278 -24.83 -30.16 -2.43
CA LYS B 278 -24.07 -28.97 -2.29
C LYS B 278 -24.72 -27.94 -3.15
N LEU B 279 -24.92 -26.75 -2.58
CA LEU B 279 -25.47 -25.62 -3.27
C LEU B 279 -24.43 -24.48 -3.31
N LEU B 280 -24.16 -23.99 -4.52
CA LEU B 280 -23.47 -22.74 -4.76
C LEU B 280 -24.31 -21.82 -5.67
N LEU B 281 -24.96 -20.82 -5.08
CA LEU B 281 -25.93 -20.01 -5.82
C LEU B 281 -25.44 -18.56 -6.09
N SER B 282 -24.14 -18.43 -6.36
CA SER B 282 -23.54 -17.10 -6.49
C SER B 282 -24.00 -16.31 -7.65
N GLU B 283 -23.95 -14.99 -7.51
CA GLU B 283 -24.02 -14.11 -8.68
C GLU B 283 -22.65 -13.86 -9.36
N LYS B 284 -21.54 -14.10 -8.69
CA LYS B 284 -20.21 -13.95 -9.30
C LYS B 284 -19.39 -15.10 -8.78
N GLU B 285 -18.72 -15.80 -9.69
CA GLU B 285 -17.93 -16.93 -9.30
C GLU B 285 -17.09 -17.39 -10.46
N SER B 286 -15.79 -17.05 -10.43
CA SER B 286 -14.88 -17.39 -11.53
C SER B 286 -14.65 -18.85 -11.70
N PHE B 287 -14.62 -19.59 -10.60
CA PHE B 287 -14.48 -21.02 -10.69
C PHE B 287 -15.44 -21.75 -9.75
N GLY B 288 -15.26 -21.51 -8.44
CA GLY B 288 -15.96 -22.31 -7.41
C GLY B 288 -15.24 -23.57 -7.03
N LEU B 289 -14.07 -23.42 -6.38
CA LEU B 289 -13.29 -24.53 -5.95
C LEU B 289 -14.04 -25.43 -4.99
N VAL B 290 -14.95 -24.85 -4.22
CA VAL B 290 -15.75 -25.70 -3.31
C VAL B 290 -16.56 -26.70 -4.09
N LEU B 291 -16.96 -26.40 -5.32
CA LEU B 291 -17.62 -27.47 -6.13
C LEU B 291 -16.72 -28.72 -6.29
N LEU B 292 -15.42 -28.54 -6.51
CA LEU B 292 -14.59 -29.69 -6.77
C LEU B 292 -14.48 -30.51 -5.53
N GLU B 293 -14.48 -29.84 -4.39
CA GLU B 293 -14.26 -30.53 -3.15
C GLU B 293 -15.51 -31.34 -2.86
N ALA B 294 -16.68 -30.80 -3.11
CA ALA B 294 -17.91 -31.55 -2.92
C ALA B 294 -17.97 -32.72 -3.92
N MET B 295 -17.52 -32.46 -5.12
CA MET B 295 -17.41 -33.54 -6.13
C MET B 295 -16.51 -34.66 -5.70
N ALA B 296 -15.37 -34.35 -5.11
CA ALA B 296 -14.43 -35.37 -4.81
C ALA B 296 -14.94 -36.23 -3.71
N CYS B 297 -15.93 -35.74 -2.97
CA CYS B 297 -16.46 -36.41 -1.82
C CYS B 297 -17.83 -36.99 -2.15
N GLY B 298 -18.26 -36.90 -3.40
CA GLY B 298 -19.44 -37.61 -3.83
C GLY B 298 -20.74 -36.88 -3.63
N VAL B 299 -20.69 -35.55 -3.60
CA VAL B 299 -21.82 -34.77 -3.33
C VAL B 299 -22.19 -34.10 -4.63
N PRO B 300 -23.44 -34.32 -5.07
CA PRO B 300 -23.92 -33.67 -6.28
C PRO B 300 -24.16 -32.17 -6.04
N CYS B 301 -23.95 -31.35 -7.08
CA CYS B 301 -24.03 -29.92 -6.92
C CYS B 301 -25.13 -29.27 -7.73
N ILE B 302 -25.73 -28.25 -7.14
CA ILE B 302 -26.50 -27.29 -7.85
C ILE B 302 -25.74 -25.98 -7.74
N GLY B 303 -25.44 -25.39 -8.89
CA GLY B 303 -24.78 -24.08 -8.96
C GLY B 303 -25.60 -23.14 -9.83
N THR B 304 -25.33 -21.83 -9.73
CA THR B 304 -25.83 -20.85 -10.70
C THR B 304 -25.11 -20.96 -12.07
N ASN B 305 -25.82 -20.54 -13.10
CA ASN B 305 -25.32 -20.58 -14.45
C ASN B 305 -24.53 -19.26 -14.73
N ILE B 306 -23.56 -18.96 -13.89
CA ILE B 306 -22.79 -17.74 -14.07
C ILE B 306 -21.33 -18.04 -13.93
N GLY B 307 -20.50 -17.09 -14.38
CA GLY B 307 -19.09 -17.20 -14.34
C GLY B 307 -18.60 -18.51 -14.87
N GLY B 308 -17.72 -19.13 -14.09
CA GLY B 308 -17.10 -20.39 -14.47
C GLY B 308 -17.79 -21.64 -13.96
N ILE B 309 -18.90 -21.46 -13.28
CA ILE B 309 -19.62 -22.59 -12.70
C ILE B 309 -20.09 -23.53 -13.84
N PRO B 310 -20.63 -23.00 -14.96
CA PRO B 310 -20.98 -23.98 -16.02
C PRO B 310 -19.83 -24.75 -16.63
N GLU B 311 -18.58 -24.42 -16.25
CA GLU B 311 -17.43 -25.16 -16.78
C GLU B 311 -17.08 -26.33 -15.88
N VAL B 312 -17.71 -26.36 -14.71
CA VAL B 312 -17.45 -27.34 -13.69
C VAL B 312 -18.58 -28.36 -13.65
N ILE B 313 -19.81 -27.84 -13.49
CA ILE B 313 -21.06 -28.59 -13.59
C ILE B 313 -21.65 -28.54 -14.99
N LYS B 314 -21.83 -29.69 -15.64
CA LYS B 314 -22.62 -29.72 -16.88
C LYS B 314 -24.08 -30.05 -16.57
N ASN B 315 -24.99 -29.19 -16.98
CA ASN B 315 -26.40 -29.31 -16.57
C ASN B 315 -26.96 -30.68 -16.92
N ASN B 316 -27.69 -31.23 -15.96
CA ASN B 316 -28.27 -32.55 -16.08
C ASN B 316 -27.32 -33.64 -16.59
N VAL B 317 -26.04 -33.50 -16.35
CA VAL B 317 -25.08 -34.57 -16.59
C VAL B 317 -24.33 -34.84 -15.31
N SER B 318 -23.71 -33.81 -14.75
CA SER B 318 -22.89 -33.97 -13.55
C SER B 318 -23.35 -33.05 -12.44
N GLY B 319 -24.63 -32.68 -12.47
CA GLY B 319 -25.16 -31.64 -11.62
C GLY B 319 -26.20 -30.82 -12.35
N PHE B 320 -26.75 -29.83 -11.65
CA PHE B 320 -27.69 -28.89 -12.23
C PHE B 320 -27.21 -27.44 -12.14
N LEU B 321 -27.51 -26.65 -13.15
CA LEU B 321 -27.31 -25.21 -13.15
C LEU B 321 -28.66 -24.54 -13.12
N VAL B 322 -28.81 -23.49 -12.33
CA VAL B 322 -30.01 -22.62 -12.32
C VAL B 322 -29.66 -21.15 -12.60
N ASP B 323 -30.68 -20.31 -12.72
CA ASP B 323 -30.49 -18.86 -12.87
C ASP B 323 -30.31 -18.21 -11.50
N VAL B 324 -29.58 -17.10 -11.48
CA VAL B 324 -29.32 -16.36 -10.26
C VAL B 324 -30.67 -15.91 -9.65
N GLY B 325 -30.84 -16.11 -8.35
CA GLY B 325 -32.08 -15.70 -7.72
C GLY B 325 -33.20 -16.72 -7.89
N ASP B 326 -33.04 -17.72 -8.76
CA ASP B 326 -34.11 -18.73 -9.01
C ASP B 326 -34.26 -19.81 -7.93
N VAL B 327 -34.70 -19.38 -6.75
CA VAL B 327 -34.91 -20.27 -5.62
C VAL B 327 -35.93 -21.38 -5.94
N THR B 328 -36.98 -20.99 -6.65
CA THR B 328 -38.02 -21.92 -7.07
C THR B 328 -37.38 -23.10 -7.78
N ALA B 329 -36.72 -22.81 -8.92
CA ALA B 329 -36.05 -23.87 -9.71
C ALA B 329 -34.93 -24.59 -8.95
N ALA B 330 -34.27 -23.89 -8.03
CA ALA B 330 -33.20 -24.55 -7.29
C ALA B 330 -33.80 -25.57 -6.38
N THR B 331 -34.96 -25.23 -5.81
CA THR B 331 -35.68 -26.13 -4.93
C THR B 331 -36.13 -27.35 -5.74
N ALA B 332 -36.73 -27.13 -6.89
CA ALA B 332 -37.11 -28.25 -7.76
C ALA B 332 -35.94 -29.19 -7.95
N ARG B 333 -34.78 -28.65 -8.35
CA ARG B 333 -33.63 -29.51 -8.62
C ARG B 333 -33.17 -30.21 -7.39
N ALA B 334 -33.16 -29.50 -6.27
CA ALA B 334 -32.69 -30.10 -5.01
C ALA B 334 -33.49 -31.38 -4.73
N MET B 335 -34.80 -31.25 -4.72
CA MET B 335 -35.66 -32.38 -4.51
C MET B 335 -35.38 -33.50 -5.49
N SER B 336 -35.42 -33.20 -6.78
CA SER B 336 -35.08 -34.20 -7.79
C SER B 336 -33.90 -35.05 -7.35
N ILE B 337 -32.87 -34.42 -6.80
CA ILE B 337 -31.62 -35.13 -6.51
C ILE B 337 -31.72 -35.90 -5.21
N LEU B 338 -32.32 -35.24 -4.22
CA LEU B 338 -32.48 -35.85 -2.89
C LEU B 338 -33.41 -37.08 -2.89
N GLU B 339 -34.47 -37.07 -3.69
CA GLU B 339 -35.42 -38.17 -3.72
C GLU B 339 -35.04 -39.35 -4.59
N ASP B 340 -34.02 -39.17 -5.44
CA ASP B 340 -33.75 -40.09 -6.53
C ASP B 340 -32.29 -40.51 -6.58
N GLU B 341 -31.99 -41.69 -6.06
CA GLU B 341 -30.61 -42.14 -5.92
C GLU B 341 -29.95 -42.43 -7.27
N GLN B 342 -30.80 -42.66 -8.26
CA GLN B 342 -30.40 -42.95 -9.64
C GLN B 342 -29.70 -41.75 -10.23
N LEU B 343 -30.41 -40.63 -10.24
CA LEU B 343 -29.97 -39.34 -10.75
C LEU B 343 -28.75 -38.89 -9.98
N SER B 344 -28.88 -38.89 -8.66
CA SER B 344 -27.80 -38.50 -7.77
C SER B 344 -26.52 -39.30 -8.05
N ASN B 345 -26.67 -40.60 -8.30
CA ASN B 345 -25.51 -41.46 -8.47
C ASN B 345 -24.91 -41.26 -9.86
N ARG B 346 -25.72 -40.91 -10.86
CA ARG B 346 -25.10 -40.67 -12.16
C ARG B 346 -24.47 -39.28 -12.26
N PHE B 347 -25.06 -38.33 -11.58
CA PHE B 347 -24.47 -37.02 -11.45
C PHE B 347 -23.14 -37.21 -10.79
N THR B 348 -23.14 -37.99 -9.73
CA THR B 348 -21.98 -38.21 -8.92
C THR B 348 -20.90 -38.87 -9.71
N LYS B 349 -21.28 -39.75 -10.60
CA LYS B 349 -20.32 -40.51 -11.35
C LYS B 349 -19.68 -39.67 -12.39
N ALA B 350 -20.49 -38.86 -13.05
CA ALA B 350 -20.01 -38.00 -14.09
C ALA B 350 -19.03 -37.01 -13.53
N ALA B 351 -19.31 -36.55 -12.33
CA ALA B 351 -18.47 -35.55 -11.69
C ALA B 351 -17.04 -36.07 -11.35
N ILE B 352 -16.97 -37.29 -10.84
CA ILE B 352 -15.71 -37.93 -10.50
C ILE B 352 -14.85 -38.12 -11.76
N GLU B 353 -15.50 -38.36 -12.90
CA GLU B 353 -14.71 -38.51 -14.15
C GLU B 353 -14.07 -37.20 -14.57
N MET B 354 -14.79 -36.09 -14.37
CA MET B 354 -14.24 -34.76 -14.62
C MET B 354 -13.03 -34.58 -13.71
N LEU B 355 -13.13 -35.06 -12.48
CA LEU B 355 -12.09 -34.85 -11.49
C LEU B 355 -10.85 -35.59 -11.82
N GLU B 356 -11.04 -36.77 -12.40
CA GLU B 356 -9.95 -37.61 -12.80
C GLU B 356 -9.29 -37.18 -14.11
N ASN B 357 -10.00 -36.40 -14.91
CA ASN B 357 -9.48 -35.89 -16.15
C ASN B 357 -9.26 -34.37 -16.17
N GLU B 358 -10.26 -33.60 -16.58
CA GLU B 358 -10.11 -32.14 -16.74
C GLU B 358 -9.59 -31.47 -15.48
N PHE B 359 -9.95 -31.98 -14.31
CA PHE B 359 -9.60 -31.29 -13.03
C PHE B 359 -8.59 -32.01 -12.16
N SER B 360 -7.84 -32.97 -12.71
CA SER B 360 -6.87 -33.70 -11.92
C SER B 360 -5.66 -32.84 -11.72
N SER B 361 -5.05 -32.95 -10.55
CA SER B 361 -3.86 -32.18 -10.29
C SER B 361 -2.64 -32.57 -11.13
N LYS B 362 -2.54 -33.83 -11.53
CA LYS B 362 -1.43 -34.23 -12.44
C LYS B 362 -1.55 -33.44 -13.72
N LYS B 363 -2.76 -33.39 -14.28
CA LYS B 363 -2.95 -32.64 -15.52
C LYS B 363 -2.69 -31.12 -15.36
N ILE B 364 -3.29 -30.46 -14.37
CA ILE B 364 -3.18 -29.00 -14.20
C ILE B 364 -1.75 -28.62 -13.84
N VAL B 365 -1.17 -29.29 -12.87
CA VAL B 365 0.20 -28.99 -12.49
C VAL B 365 1.17 -29.08 -13.69
N SER B 366 0.98 -30.07 -14.56
N SER B 366 0.98 -30.07 -14.57
CA SER B 366 1.82 -30.19 -15.77
CA SER B 366 1.82 -30.17 -15.78
C SER B 366 1.53 -29.05 -16.82
C SER B 366 1.55 -29.00 -16.78
N GLN B 367 0.29 -28.55 -16.88
CA GLN B 367 -0.03 -27.36 -17.68
C GLN B 367 0.70 -26.12 -17.17
N TYR B 368 0.77 -25.94 -15.85
CA TYR B 368 1.55 -24.81 -15.32
C TYR B 368 3.05 -25.06 -15.53
N GLU B 369 3.46 -26.30 -15.33
CA GLU B 369 4.85 -26.64 -15.49
C GLU B 369 5.37 -26.36 -16.91
N GLN B 370 4.52 -26.65 -17.88
CA GLN B 370 4.84 -26.46 -19.32
C GLN B 370 5.06 -24.95 -19.55
N ILE B 371 4.21 -24.12 -18.95
CA ILE B 371 4.40 -22.68 -19.04
C ILE B 371 5.79 -22.26 -18.57
N TYR B 372 6.15 -22.74 -17.40
CA TYR B 372 7.45 -22.45 -16.83
C TYR B 372 8.57 -22.99 -17.75
N ALA B 373 8.46 -24.25 -18.18
CA ALA B 373 9.43 -24.81 -19.17
C ALA B 373 9.57 -23.92 -20.39
N ASP B 374 8.44 -23.48 -20.95
CA ASP B 374 8.43 -22.57 -22.14
C ASP B 374 9.24 -21.31 -21.94
N LEU B 375 9.16 -20.73 -20.74
CA LEU B 375 9.79 -19.44 -20.48
C LEU B 375 11.25 -19.58 -20.04
N ALA B 376 11.61 -20.72 -19.51
CA ALA B 376 12.91 -20.94 -18.92
C ALA B 376 14.00 -21.12 -19.99
O16 GMT C . 10.98 13.55 8.08
C12 GMT C . 10.80 14.73 8.40
O15 GMT C . 11.47 15.34 9.25
C11 GMT C . 9.76 15.49 7.62
C9 GMT C . 10.46 15.88 6.29
C10 GMT C . 9.51 16.55 5.40
O14 GMT C . 9.22 17.77 5.48
O13 GMT C . 9.01 15.81 4.55
O1 GMT C . 11.45 16.85 6.50
C1 GMT C . 12.52 16.80 5.51
O5 GMT C . 12.12 17.67 4.45
C5 GMT C . 12.18 19.08 4.77
C6 GMT C . 11.89 19.89 3.51
O6 GMT C . 12.91 19.69 2.49
C4 GMT C . 13.52 19.50 5.38
O4 GMT C . 13.38 20.86 5.72
C3 GMT C . 13.94 18.68 6.60
O3 GMT C . 15.30 18.95 6.94
C2 GMT C . 13.87 17.26 6.13
N2 GMT C . 14.02 16.33 7.22
C7 GMT C . 15.04 15.47 7.30
O7 GMT C . 15.99 15.42 6.53
C8 GMT C . 15.00 14.50 8.42
O16 GMT D . -12.50 -12.87 -3.48
C12 GMT D . -12.81 -14.10 -3.41
O15 GMT D . -13.93 -14.52 -3.65
C11 GMT D . -11.76 -15.12 -3.05
C9 GMT D . -11.16 -15.60 -4.39
C10 GMT D . -9.91 -16.35 -4.07
O14 GMT D . -10.09 -17.54 -3.80
O13 GMT D . -8.76 -15.75 -4.02
O1 GMT D . -12.09 -16.41 -5.13
C1 GMT D . -11.79 -16.46 -6.56
O5 GMT D . -10.75 -17.39 -6.79
C5 GMT D . -11.09 -18.75 -6.51
C6 GMT D . -9.89 -19.66 -6.81
O6 GMT D . -9.55 -19.68 -8.22
C4 GMT D . -12.40 -19.17 -7.25
O4 GMT D . -12.61 -20.55 -6.93
C3 GMT D . -13.54 -18.24 -6.91
O3 GMT D . -14.66 -18.46 -7.79
C2 GMT D . -13.11 -16.80 -7.22
N2 GMT D . -13.99 -15.74 -6.72
C7 GMT D . -14.57 -14.87 -7.54
O7 GMT D . -14.54 -14.92 -8.77
C8 GMT D . -15.33 -13.79 -6.92
#